data_3WPF
#
_entry.id   3WPF
#
_cell.length_a   71.260
_cell.length_b   119.280
_cell.length_c   130.410
_cell.angle_alpha   90.000
_cell.angle_beta   90.000
_cell.angle_gamma   90.000
#
_symmetry.space_group_name_H-M   'P 21 21 21'
#
loop_
_entity.id
_entity.type
_entity.pdbx_description
1 polymer 'Toll-like receptor 9'
2 non-polymer 2-acetamido-2-deoxy-beta-D-glucopyranose
3 non-polymer 'SULFATE ION'
4 water water
#
_entity_poly.entity_id   1
_entity_poly.type   'polypeptide(L)'
_entity_poly.pdbx_seq_one_letter_code
;RSPWLGTLPAFLPCELKPHGLVDCNWLFLKSVPRFSAAASCSNITRLSLISNRIHHLHNSDFVHLSNLRQLNLKWNCPPT
GLSPLHFSCHMTIEPRTFLAMRTLEELNLSYNGITTVPRLPSSLVNLSLSHTNILVLDANSLAGLYSLRVLFMDGNCYYK
NPCTGAVKVTPGALLGLSQLTHLSLKYNNLTKVPRQLPPSLEYLLVSYNLIVKLGPEDLAQLTSLRVLDVGGNCRRCDHA
PNPCIECGQKSLHLHPETFHHLSHLEGLVLKDSSLHTLNSSWFQGLVQLSVLDLSENFLYESITHTNAFQNLTRLRKLNL
SFNYRKKVSFARLHLASSFKNLVSLQELNMNGIFFRLLNKYTLRWLADLPKLHTLHLQMNFINQAQLSIFGTFRALRFVD
LSDNRISGPSTLSEATPEEADDAEQEELLSADPHPAPLSTPASKNFMDRCKNFKFTMDLSRNNLVTIKPEMFVQLSRLQC
LSLSHNSIAQAVNGSQFLPLTNLQVLDLSHNKLDLYHWKSFSELPQLQALDLSYNSQPFSMKGIGHQFSFVTHLSMLQSL
SLAHNDIHTRVSSHLNSNSVRFLDFSGNGMGRMWDEGGLYLHFFQGLSGLLKLDLSQNNLHILRPQNLDNLPKSLKLLSL
RDNYLSFFNWTSLSFLPNLEVLDLAGNQLKALTQGTLPNGTLLQKLDVSSNSIVSVVPAFFALAVELKEVNLSHNILKTV
DRSWFGPIVMQLTVLDVRSNPLHCACGAAFVDLLLEVQTKVPGLANGVKCGSPGQLQGRSIFAQDLRLCLDEVLSWDEFL
VPR
;
_entity_poly.pdbx_strand_id   A
#
# COMPACT_ATOMS: atom_id res chain seq x y z
N THR A 7 22.87 -30.34 -3.12
CA THR A 7 22.98 -29.14 -2.28
C THR A 7 22.31 -27.94 -2.93
N LEU A 8 22.33 -27.88 -4.26
CA LEU A 8 21.72 -26.76 -4.99
C LEU A 8 20.25 -26.60 -4.62
N PRO A 9 19.73 -25.36 -4.64
CA PRO A 9 18.29 -25.15 -4.43
C PRO A 9 17.49 -25.99 -5.43
N ALA A 10 16.48 -26.73 -4.97
CA ALA A 10 15.82 -27.73 -5.82
C ALA A 10 15.14 -27.15 -7.06
N PHE A 11 14.66 -25.91 -6.95
CA PHE A 11 13.93 -25.30 -8.05
C PHE A 11 14.69 -24.16 -8.76
N LEU A 12 16.00 -24.28 -8.84
CA LEU A 12 16.83 -23.44 -9.70
C LEU A 12 16.24 -23.40 -11.12
N PRO A 13 16.12 -22.20 -11.72
CA PRO A 13 16.57 -20.89 -11.24
C PRO A 13 15.51 -20.19 -10.38
N CYS A 14 14.43 -20.89 -10.05
CA CYS A 14 13.35 -20.30 -9.28
C CYS A 14 13.58 -20.50 -7.78
N GLU A 15 12.69 -19.93 -6.99
CA GLU A 15 12.88 -19.89 -5.55
C GLU A 15 11.70 -20.50 -4.84
N LEU A 16 11.97 -21.37 -3.85
CA LEU A 16 10.90 -21.88 -3.03
C LEU A 16 10.44 -20.82 -2.02
N LYS A 17 9.15 -20.51 -2.09
CA LYS A 17 8.49 -19.77 -1.03
C LYS A 17 7.73 -20.87 -0.32
N PRO A 18 8.29 -21.37 0.81
CA PRO A 18 8.05 -22.69 1.42
C PRO A 18 6.62 -23.20 1.28
N HIS A 19 5.68 -22.27 1.33
CA HIS A 19 4.24 -22.52 1.24
C HIS A 19 3.80 -23.22 -0.05
N GLY A 20 4.64 -24.09 -0.59
CA GLY A 20 4.33 -24.82 -1.81
C GLY A 20 4.49 -24.01 -3.08
N LEU A 21 4.65 -22.70 -2.92
CA LEU A 21 4.72 -21.79 -4.07
C LEU A 21 6.13 -21.73 -4.66
N VAL A 22 6.28 -22.25 -5.89
CA VAL A 22 7.54 -22.05 -6.62
C VAL A 22 7.50 -20.73 -7.38
N ASP A 23 8.31 -19.77 -6.95
CA ASP A 23 8.33 -18.43 -7.55
C ASP A 23 9.33 -18.40 -8.70
N CYS A 24 8.83 -18.27 -9.93
CA CYS A 24 9.68 -18.08 -11.10
C CYS A 24 9.41 -16.72 -11.75
N ASN A 25 8.83 -15.79 -10.99
CA ASN A 25 8.44 -14.49 -11.54
C ASN A 25 9.64 -13.66 -12.01
N TRP A 26 9.46 -12.91 -13.10
CA TRP A 26 10.45 -11.93 -13.55
C TRP A 26 11.86 -12.49 -13.84
N LEU A 27 11.95 -13.67 -14.45
CA LEU A 27 13.25 -14.32 -14.67
C LEU A 27 13.69 -14.37 -16.14
N PHE A 28 13.01 -13.63 -17.02
CA PHE A 28 13.33 -13.61 -18.45
C PHE A 28 13.29 -14.98 -19.15
N LEU A 29 12.71 -15.98 -18.48
CA LEU A 29 12.57 -17.32 -19.04
C LEU A 29 11.73 -17.33 -20.32
N LYS A 30 12.13 -18.18 -21.28
CA LYS A 30 11.41 -18.34 -22.54
C LYS A 30 10.75 -19.72 -22.60
N SER A 31 10.84 -20.47 -21.51
CA SER A 31 10.17 -21.75 -21.45
C SER A 31 9.86 -22.14 -20.01
N VAL A 32 8.96 -23.11 -19.87
CA VAL A 32 8.57 -23.63 -18.57
C VAL A 32 9.70 -24.46 -18.01
N PRO A 33 10.22 -24.08 -16.84
CA PRO A 33 11.40 -24.80 -16.31
C PRO A 33 11.08 -26.25 -16.01
N ARG A 34 12.08 -27.12 -16.22
CA ARG A 34 11.94 -28.54 -15.91
C ARG A 34 12.51 -28.84 -14.54
N PHE A 35 13.15 -27.84 -13.94
CA PHE A 35 13.89 -27.99 -12.70
C PHE A 35 14.84 -29.19 -12.73
N ALA A 39 13.53 -32.43 -5.28
CA ALA A 39 14.32 -33.01 -6.35
C ALA A 39 13.44 -33.88 -7.25
N SER A 40 12.19 -34.07 -6.82
CA SER A 40 11.13 -34.55 -7.68
C SER A 40 10.18 -33.36 -7.79
N CYS A 41 9.28 -33.38 -8.77
CA CYS A 41 8.37 -32.26 -8.95
C CYS A 41 6.90 -32.69 -8.82
N SER A 42 6.67 -33.92 -8.39
CA SER A 42 5.31 -34.41 -8.20
C SER A 42 4.66 -33.83 -6.95
N ASN A 43 5.44 -33.13 -6.13
CA ASN A 43 4.90 -32.52 -4.92
C ASN A 43 4.71 -30.99 -5.02
N ILE A 44 5.12 -30.40 -6.14
CA ILE A 44 4.83 -28.97 -6.36
C ILE A 44 3.41 -28.80 -6.89
N THR A 45 2.67 -27.88 -6.26
CA THR A 45 1.24 -27.72 -6.50
C THR A 45 0.92 -26.32 -7.00
N ARG A 46 1.89 -25.41 -6.85
CA ARG A 46 1.67 -24.00 -7.17
C ARG A 46 2.91 -23.46 -7.87
N LEU A 47 2.72 -22.87 -9.05
CA LEU A 47 3.85 -22.37 -9.83
C LEU A 47 3.51 -21.01 -10.38
N SER A 48 4.42 -20.06 -10.19
CA SER A 48 4.19 -18.70 -10.65
C SER A 48 5.26 -18.28 -11.66
N LEU A 49 4.81 -17.84 -12.84
CA LEU A 49 5.70 -17.53 -13.95
C LEU A 49 5.42 -16.14 -14.47
N ILE A 50 5.07 -15.23 -13.56
CA ILE A 50 4.67 -13.88 -13.96
C ILE A 50 5.77 -13.08 -14.66
N SER A 51 5.41 -12.44 -15.78
CA SER A 51 6.29 -11.49 -16.49
C SER A 51 7.59 -12.08 -16.99
N ASN A 52 7.56 -13.34 -17.42
CA ASN A 52 8.69 -13.89 -18.16
C ASN A 52 8.53 -13.60 -19.65
N ARG A 53 9.17 -14.41 -20.49
CA ARG A 53 9.10 -14.19 -21.94
C ARG A 53 8.66 -15.45 -22.67
N ILE A 54 7.82 -16.25 -22.01
CA ILE A 54 7.37 -17.50 -22.60
C ILE A 54 6.35 -17.20 -23.71
N HIS A 55 6.73 -17.42 -24.96
CA HIS A 55 5.83 -17.12 -26.08
C HIS A 55 5.21 -18.36 -26.72
N HIS A 56 5.71 -19.54 -26.35
CA HIS A 56 5.20 -20.78 -26.93
C HIS A 56 5.01 -21.86 -25.86
N LEU A 57 3.81 -22.45 -25.83
CA LEU A 57 3.51 -23.53 -24.88
C LEU A 57 3.22 -24.82 -25.62
N HIS A 58 3.68 -25.94 -25.08
CA HIS A 58 3.67 -27.20 -25.81
C HIS A 58 3.06 -28.37 -25.07
N ASN A 59 2.75 -29.42 -25.83
CA ASN A 59 2.18 -30.65 -25.31
C ASN A 59 2.89 -31.21 -24.08
N SER A 60 4.22 -31.10 -24.06
CA SER A 60 5.02 -31.70 -23.01
C SER A 60 5.59 -30.71 -21.99
N ASP A 61 5.20 -29.44 -22.10
CA ASP A 61 5.75 -28.43 -21.20
C ASP A 61 5.36 -28.62 -19.74
N PHE A 62 4.22 -29.27 -19.47
CA PHE A 62 3.77 -29.40 -18.08
C PHE A 62 3.62 -30.84 -17.60
N VAL A 63 4.15 -31.79 -18.37
CA VAL A 63 4.01 -33.21 -18.05
C VAL A 63 4.67 -33.56 -16.72
N HIS A 64 5.79 -32.90 -16.42
CA HIS A 64 6.52 -33.13 -15.18
C HIS A 64 5.84 -32.45 -14.00
N LEU A 65 4.87 -31.60 -14.29
CA LEU A 65 4.15 -30.83 -13.28
C LEU A 65 2.70 -31.31 -13.21
N SER A 66 2.50 -32.62 -13.30
CA SER A 66 1.16 -33.20 -13.45
C SER A 66 0.23 -32.95 -12.26
N ASN A 67 0.79 -32.52 -11.13
CA ASN A 67 0.00 -32.31 -9.93
C ASN A 67 -0.20 -30.84 -9.56
N LEU A 68 0.14 -29.94 -10.48
CA LEU A 68 -0.12 -28.51 -10.29
C LEU A 68 -1.60 -28.23 -9.99
N ARG A 69 -1.85 -27.35 -9.03
CA ARG A 69 -3.21 -26.95 -8.68
C ARG A 69 -3.42 -25.51 -9.08
N GLN A 70 -2.32 -24.76 -9.08
CA GLN A 70 -2.34 -23.32 -9.30
C GLN A 70 -1.20 -22.92 -10.25
N LEU A 71 -1.51 -22.08 -11.25
CA LEU A 71 -0.57 -21.76 -12.33
C LEU A 71 -0.80 -20.33 -12.79
N ASN A 72 0.24 -19.52 -12.77
CA ASN A 72 0.14 -18.13 -13.17
C ASN A 72 1.13 -17.81 -14.32
N LEU A 73 0.58 -17.55 -15.50
CA LEU A 73 1.34 -17.29 -16.73
C LEU A 73 1.13 -15.86 -17.21
N LYS A 74 0.65 -15.01 -16.31
CA LYS A 74 0.32 -13.62 -16.60
C LYS A 74 1.51 -12.84 -17.18
N TRP A 75 1.23 -12.02 -18.20
CA TRP A 75 2.21 -11.08 -18.77
C TRP A 75 3.44 -11.67 -19.48
N ASN A 76 3.35 -12.89 -19.99
CA ASN A 76 4.47 -13.48 -20.72
C ASN A 76 4.59 -13.02 -22.15
N CYS A 77 3.46 -12.67 -22.75
CA CYS A 77 3.42 -12.34 -24.17
C CYS A 77 2.37 -11.28 -24.40
N PRO A 78 2.62 -10.05 -23.95
CA PRO A 78 1.54 -9.06 -23.96
C PRO A 78 1.12 -8.67 -25.36
N PRO A 79 -0.17 -8.31 -25.54
CA PRO A 79 -0.59 -7.54 -26.72
C PRO A 79 0.11 -6.18 -26.62
N THR A 80 -0.32 -5.13 -27.31
CA THR A 80 0.46 -3.89 -27.15
C THR A 80 -0.23 -2.70 -26.46
N GLY A 81 0.12 -2.48 -25.18
CA GLY A 81 0.98 -3.42 -24.48
C GLY A 81 2.17 -2.92 -23.64
N LEU A 82 3.19 -2.37 -24.28
CA LEU A 82 4.43 -2.03 -23.57
C LEU A 82 5.28 -0.93 -24.20
N SER A 83 5.88 -1.23 -25.36
CA SER A 83 6.75 -0.29 -26.05
C SER A 83 6.73 -0.55 -27.55
N SER A 88 4.75 -6.25 -30.51
CA SER A 88 3.72 -7.20 -30.93
C SER A 88 4.07 -8.62 -30.50
N CYS A 89 3.09 -9.33 -29.98
CA CYS A 89 3.35 -10.67 -29.46
C CYS A 89 2.12 -11.58 -29.53
N HIS A 90 2.32 -12.77 -30.10
CA HIS A 90 1.25 -13.76 -30.19
C HIS A 90 1.68 -15.11 -29.62
N MET A 91 1.03 -15.54 -28.55
CA MET A 91 1.35 -16.82 -27.92
C MET A 91 0.67 -18.01 -28.60
N THR A 92 1.46 -19.01 -28.98
CA THR A 92 0.91 -20.26 -29.53
C THR A 92 0.83 -21.29 -28.41
N ILE A 93 -0.18 -22.17 -28.47
CA ILE A 93 -0.43 -23.12 -27.41
C ILE A 93 -0.90 -24.42 -28.04
N GLU A 94 -0.13 -25.49 -27.89
CA GLU A 94 -0.50 -26.78 -28.45
C GLU A 94 -1.76 -27.34 -27.76
N PRO A 95 -2.42 -28.35 -28.38
CA PRO A 95 -3.69 -28.89 -27.88
C PRO A 95 -3.73 -29.45 -26.46
N ARG A 96 -2.79 -30.32 -26.11
CA ARG A 96 -2.86 -31.04 -24.85
C ARG A 96 -2.10 -30.34 -23.74
N THR A 97 -1.64 -29.12 -24.00
CA THR A 97 -0.71 -28.40 -23.11
C THR A 97 -1.18 -28.39 -21.65
N PHE A 98 -2.42 -27.95 -21.44
CA PHE A 98 -2.95 -27.85 -20.10
C PHE A 98 -3.66 -29.13 -19.66
N LEU A 99 -3.92 -30.03 -20.60
CA LEU A 99 -4.61 -31.28 -20.27
C LEU A 99 -3.72 -32.22 -19.45
N ALA A 100 -2.44 -31.91 -19.41
CA ALA A 100 -1.47 -32.69 -18.64
C ALA A 100 -1.71 -32.56 -17.13
N MET A 101 -2.36 -31.46 -16.73
CA MET A 101 -2.56 -31.20 -15.31
C MET A 101 -4.01 -31.43 -14.90
N ARG A 102 -4.32 -32.70 -14.61
CA ARG A 102 -5.69 -33.15 -14.36
C ARG A 102 -6.35 -32.58 -13.11
N THR A 103 -5.55 -32.04 -12.21
CA THR A 103 -6.08 -31.50 -10.96
C THR A 103 -5.89 -30.00 -10.87
N LEU A 104 -5.56 -29.37 -12.00
CA LEU A 104 -5.38 -27.93 -12.04
C LEU A 104 -6.67 -27.20 -11.63
N GLU A 105 -6.56 -26.30 -10.65
CA GLU A 105 -7.73 -25.62 -10.08
C GLU A 105 -7.74 -24.14 -10.44
N GLU A 106 -6.55 -23.55 -10.57
CA GLU A 106 -6.46 -22.11 -10.83
C GLU A 106 -5.46 -21.82 -11.95
N LEU A 107 -5.90 -21.01 -12.91
CA LEU A 107 -5.05 -20.65 -14.05
C LEU A 107 -5.19 -19.18 -14.39
N ASN A 108 -4.06 -18.49 -14.53
CA ASN A 108 -4.07 -17.09 -14.92
C ASN A 108 -3.34 -16.92 -16.27
N LEU A 109 -4.10 -16.69 -17.33
CA LEU A 109 -3.52 -16.46 -18.65
C LEU A 109 -3.62 -15.00 -19.08
N SER A 110 -3.87 -14.10 -18.13
CA SER A 110 -4.02 -12.67 -18.43
C SER A 110 -2.76 -12.05 -19.04
N TYR A 111 -2.96 -10.97 -19.79
CA TYR A 111 -1.87 -10.25 -20.46
C TYR A 111 -1.02 -11.11 -21.41
N ASN A 112 -1.70 -11.92 -22.22
CA ASN A 112 -1.04 -12.73 -23.25
C ASN A 112 -1.77 -12.64 -24.60
N GLY A 113 -1.01 -12.56 -25.69
CA GLY A 113 -1.58 -12.46 -27.01
C GLY A 113 -2.13 -13.77 -27.53
N ILE A 114 -3.22 -14.25 -26.92
CA ILE A 114 -3.97 -15.39 -27.44
C ILE A 114 -5.33 -14.91 -27.97
N THR A 115 -5.84 -15.60 -28.98
CA THR A 115 -7.07 -15.21 -29.67
C THR A 115 -8.18 -16.21 -29.42
N THR A 116 -7.81 -17.37 -28.86
CA THR A 116 -8.75 -18.45 -28.63
C THR A 116 -8.40 -19.13 -27.31
N VAL A 117 -9.39 -19.54 -26.53
CA VAL A 117 -9.06 -20.18 -25.25
C VAL A 117 -8.58 -21.62 -25.45
N PRO A 118 -7.45 -21.98 -24.82
CA PRO A 118 -6.85 -23.30 -24.94
C PRO A 118 -7.80 -24.37 -24.42
N ARG A 119 -7.53 -25.64 -24.70
CA ARG A 119 -8.32 -26.71 -24.12
C ARG A 119 -7.88 -26.87 -22.68
N LEU A 120 -8.84 -27.12 -21.79
CA LEU A 120 -8.60 -27.04 -20.35
C LEU A 120 -9.16 -28.24 -19.58
N PRO A 121 -8.48 -28.62 -18.49
CA PRO A 121 -8.92 -29.76 -17.67
C PRO A 121 -10.16 -29.39 -16.85
N SER A 122 -11.09 -30.33 -16.69
CA SER A 122 -12.38 -30.07 -16.03
C SER A 122 -12.26 -29.82 -14.53
N SER A 123 -11.05 -29.89 -14.00
CA SER A 123 -10.84 -29.66 -12.59
C SER A 123 -10.82 -28.17 -12.29
N LEU A 124 -10.76 -27.36 -13.35
CA LEU A 124 -10.63 -25.91 -13.22
C LEU A 124 -11.75 -25.23 -12.42
N VAL A 125 -11.35 -24.26 -11.60
CA VAL A 125 -12.22 -23.55 -10.67
C VAL A 125 -12.12 -22.02 -10.86
N ASN A 126 -10.88 -21.53 -10.99
CA ASN A 126 -10.62 -20.12 -11.26
C ASN A 126 -9.83 -19.95 -12.56
N LEU A 127 -10.27 -19.05 -13.42
CA LEU A 127 -9.61 -18.84 -14.71
C LEU A 127 -9.62 -17.38 -15.05
N SER A 128 -8.47 -16.86 -15.47
CA SER A 128 -8.39 -15.49 -15.99
C SER A 128 -7.91 -15.42 -17.43
N LEU A 129 -8.68 -14.72 -18.27
CA LEU A 129 -8.39 -14.54 -19.68
C LEU A 129 -8.36 -13.05 -19.99
N SER A 130 -8.26 -12.24 -18.95
CA SER A 130 -8.24 -10.79 -19.10
C SER A 130 -7.04 -10.32 -19.89
N HIS A 131 -7.18 -9.14 -20.49
CA HIS A 131 -6.13 -8.55 -21.32
C HIS A 131 -5.49 -9.51 -22.30
N THR A 132 -6.32 -10.26 -23.02
CA THR A 132 -5.84 -11.09 -24.13
C THR A 132 -6.40 -10.53 -25.42
N ASN A 133 -6.42 -11.35 -26.47
CA ASN A 133 -7.00 -10.96 -27.75
C ASN A 133 -8.18 -11.87 -28.10
N ILE A 134 -8.81 -12.44 -27.07
CA ILE A 134 -9.99 -13.26 -27.29
C ILE A 134 -11.18 -12.34 -27.49
N LEU A 135 -11.83 -12.46 -28.65
CA LEU A 135 -12.92 -11.54 -29.03
C LEU A 135 -14.25 -12.26 -29.09
N VAL A 136 -14.20 -13.58 -28.97
CA VAL A 136 -15.41 -14.38 -29.04
C VAL A 136 -15.37 -15.46 -27.98
N LEU A 137 -16.40 -15.48 -27.16
CA LEU A 137 -16.66 -16.60 -26.26
C LEU A 137 -17.92 -17.31 -26.74
N ASP A 138 -17.76 -18.52 -27.26
CA ASP A 138 -18.91 -19.38 -27.58
C ASP A 138 -18.86 -20.65 -26.72
N ALA A 139 -19.78 -21.59 -26.96
CA ALA A 139 -19.84 -22.81 -26.16
C ALA A 139 -18.56 -23.64 -26.20
N ASN A 140 -17.92 -23.68 -27.37
CA ASN A 140 -16.69 -24.45 -27.54
C ASN A 140 -15.56 -23.86 -26.71
N SER A 141 -15.64 -22.56 -26.47
CA SER A 141 -14.58 -21.84 -25.76
C SER A 141 -14.28 -22.41 -24.38
N LEU A 142 -15.30 -22.91 -23.70
CA LEU A 142 -15.08 -23.31 -22.30
C LEU A 142 -15.61 -24.70 -21.96
N ALA A 143 -15.50 -25.62 -22.91
CA ALA A 143 -15.84 -27.01 -22.65
C ALA A 143 -14.73 -27.58 -21.80
N GLY A 144 -15.03 -28.49 -20.87
CA GLY A 144 -16.33 -28.66 -20.27
C GLY A 144 -15.96 -28.28 -18.85
N LEU A 145 -16.04 -26.99 -18.58
CA LEU A 145 -15.57 -26.43 -17.32
C LEU A 145 -16.71 -26.35 -16.31
N TYR A 146 -17.26 -27.50 -15.96
CA TYR A 146 -18.45 -27.54 -15.13
C TYR A 146 -18.16 -27.35 -13.64
N SER A 147 -16.89 -27.23 -13.28
CA SER A 147 -16.55 -26.93 -11.89
C SER A 147 -16.12 -25.48 -11.73
N LEU A 148 -16.10 -24.75 -12.85
CA LEU A 148 -15.67 -23.35 -12.85
C LEU A 148 -16.55 -22.47 -11.94
N ARG A 149 -15.92 -21.66 -11.11
CA ARG A 149 -16.64 -20.80 -10.17
C ARG A 149 -16.39 -19.32 -10.44
N VAL A 150 -15.14 -19.02 -10.83
CA VAL A 150 -14.70 -17.67 -11.15
C VAL A 150 -14.14 -17.59 -12.57
N LEU A 151 -14.64 -16.63 -13.34
CA LEU A 151 -14.13 -16.36 -14.68
C LEU A 151 -13.95 -14.86 -14.87
N PHE A 152 -12.71 -14.45 -15.19
CA PHE A 152 -12.42 -13.06 -15.51
C PHE A 152 -11.99 -12.94 -16.97
N MET A 153 -12.56 -11.98 -17.67
CA MET A 153 -12.07 -11.63 -19.00
C MET A 153 -12.34 -10.14 -19.23
N ASP A 154 -11.60 -9.30 -18.51
CA ASP A 154 -11.72 -7.85 -18.65
C ASP A 154 -10.66 -7.34 -19.63
N GLY A 155 -10.99 -6.29 -20.36
CA GLY A 155 -9.97 -5.49 -21.05
C GLY A 155 -9.47 -6.02 -22.38
N ASN A 156 -10.31 -6.74 -23.09
CA ASN A 156 -9.93 -7.28 -24.40
C ASN A 156 -10.31 -6.38 -25.55
N CYS A 157 -10.85 -5.21 -25.24
CA CYS A 157 -11.26 -4.27 -26.29
C CYS A 157 -11.48 -2.85 -25.80
N TYR A 158 -10.40 -2.20 -25.39
CA TYR A 158 -10.44 -0.79 -25.02
C TYR A 158 -9.16 -0.08 -25.46
N TYR A 159 -8.97 1.16 -25.03
CA TYR A 159 -7.87 1.97 -25.56
C TYR A 159 -6.48 1.35 -25.35
N LYS A 160 -6.26 0.70 -24.21
CA LYS A 160 -4.95 0.09 -23.93
C LYS A 160 -4.78 -1.28 -24.62
N ASN A 161 -5.89 -1.87 -25.03
CA ASN A 161 -5.87 -3.16 -25.70
C ASN A 161 -7.02 -3.20 -26.69
N PRO A 162 -6.87 -2.49 -27.82
CA PRO A 162 -7.96 -2.26 -28.79
C PRO A 162 -8.36 -3.47 -29.62
N CYS A 163 -9.64 -3.53 -29.95
CA CYS A 163 -10.13 -4.47 -30.94
C CYS A 163 -10.96 -3.68 -31.93
N THR A 164 -11.10 -4.21 -33.14
CA THR A 164 -12.05 -3.64 -34.09
C THR A 164 -13.37 -4.37 -33.91
N GLY A 165 -14.39 -3.64 -33.49
CA GLY A 165 -15.66 -4.24 -33.11
C GLY A 165 -15.82 -4.29 -31.61
N ALA A 166 -16.27 -5.42 -31.09
CA ALA A 166 -16.41 -5.62 -29.66
C ALA A 166 -16.25 -7.09 -29.37
N VAL A 167 -15.99 -7.46 -28.11
CA VAL A 167 -16.01 -8.88 -27.81
C VAL A 167 -17.45 -9.37 -27.85
N LYS A 168 -17.62 -10.61 -28.26
CA LYS A 168 -18.95 -11.15 -28.51
C LYS A 168 -19.11 -12.42 -27.69
N VAL A 169 -20.05 -12.39 -26.74
CA VAL A 169 -20.35 -13.55 -25.92
C VAL A 169 -21.68 -14.09 -26.42
N THR A 170 -21.63 -15.14 -27.23
CA THR A 170 -22.82 -15.72 -27.85
C THR A 170 -23.78 -16.21 -26.76
N PRO A 171 -25.08 -16.07 -26.99
CA PRO A 171 -26.08 -16.37 -25.95
C PRO A 171 -25.98 -17.82 -25.46
N GLY A 172 -26.06 -18.03 -24.15
CA GLY A 172 -25.99 -19.36 -23.57
C GLY A 172 -24.60 -19.99 -23.52
N ALA A 173 -23.61 -19.27 -24.01
CA ALA A 173 -22.24 -19.78 -24.11
C ALA A 173 -21.66 -20.26 -22.78
N LEU A 174 -22.13 -19.65 -21.69
CA LEU A 174 -21.60 -19.94 -20.36
C LEU A 174 -22.52 -20.84 -19.53
N LEU A 175 -23.65 -21.26 -20.10
CA LEU A 175 -24.60 -22.11 -19.38
C LEU A 175 -24.00 -23.46 -18.94
N GLY A 176 -22.98 -23.94 -19.66
CA GLY A 176 -22.26 -25.14 -19.26
C GLY A 176 -21.49 -24.97 -17.96
N LEU A 177 -21.36 -23.72 -17.53
CA LEU A 177 -20.66 -23.41 -16.28
C LEU A 177 -21.70 -23.36 -15.16
N SER A 178 -22.24 -24.52 -14.81
CA SER A 178 -23.36 -24.63 -13.89
C SER A 178 -23.03 -24.17 -12.47
N GLN A 179 -21.75 -23.93 -12.18
CA GLN A 179 -21.31 -23.54 -10.84
C GLN A 179 -20.76 -22.14 -10.78
N LEU A 180 -20.79 -21.44 -11.91
CA LEU A 180 -20.19 -20.12 -12.00
C LEU A 180 -20.81 -19.17 -10.97
N THR A 181 -19.99 -18.62 -10.09
CA THR A 181 -20.45 -17.63 -9.10
C THR A 181 -19.96 -16.21 -9.40
N HIS A 182 -18.77 -16.09 -9.99
CA HIS A 182 -18.17 -14.79 -10.28
C HIS A 182 -17.86 -14.65 -11.76
N LEU A 183 -18.30 -13.55 -12.37
CA LEU A 183 -18.03 -13.26 -13.77
C LEU A 183 -17.72 -11.80 -13.96
N SER A 184 -16.59 -11.50 -14.62
CA SER A 184 -16.21 -10.13 -14.89
C SER A 184 -15.86 -9.90 -16.36
N LEU A 185 -16.50 -8.91 -16.97
CA LEU A 185 -16.38 -8.66 -18.41
C LEU A 185 -16.27 -7.18 -18.72
N LYS A 186 -15.35 -6.49 -18.02
CA LYS A 186 -15.22 -5.03 -18.17
C LYS A 186 -14.42 -4.67 -19.41
N TYR A 187 -14.56 -3.43 -19.86
CA TYR A 187 -13.68 -2.89 -20.91
C TYR A 187 -13.61 -3.79 -22.12
N ASN A 188 -14.77 -4.24 -22.57
CA ASN A 188 -14.84 -5.16 -23.71
C ASN A 188 -15.69 -4.60 -24.84
N ASN A 189 -16.12 -3.35 -24.70
CA ASN A 189 -16.92 -2.65 -25.70
C ASN A 189 -18.31 -3.27 -25.90
N LEU A 190 -18.75 -4.10 -24.95
CA LEU A 190 -20.07 -4.71 -25.02
C LEU A 190 -21.14 -3.63 -25.16
N THR A 191 -22.12 -3.86 -26.03
CA THR A 191 -23.23 -2.91 -26.15
C THR A 191 -24.48 -3.42 -25.46
N LYS A 192 -24.43 -4.65 -24.95
CA LYS A 192 -25.49 -5.20 -24.13
C LYS A 192 -24.92 -6.26 -23.20
N VAL A 193 -25.62 -6.55 -22.10
CA VAL A 193 -25.25 -7.65 -21.23
C VAL A 193 -25.49 -8.96 -22.00
N PRO A 194 -24.48 -9.84 -22.03
CA PRO A 194 -24.62 -11.15 -22.70
C PRO A 194 -25.88 -11.90 -22.24
N ARG A 195 -26.50 -12.63 -23.17
CA ARG A 195 -27.78 -13.30 -22.92
C ARG A 195 -27.65 -14.68 -22.29
N GLN A 196 -28.64 -15.04 -21.48
CA GLN A 196 -28.72 -16.39 -20.92
C GLN A 196 -27.48 -16.75 -20.12
N LEU A 197 -27.13 -15.89 -19.16
CA LEU A 197 -26.02 -16.12 -18.26
C LEU A 197 -26.44 -17.15 -17.20
N PRO A 198 -25.48 -17.91 -16.66
CA PRO A 198 -25.89 -18.95 -15.70
C PRO A 198 -26.56 -18.40 -14.43
N PRO A 199 -27.72 -18.98 -14.05
CA PRO A 199 -28.48 -18.50 -12.88
C PRO A 199 -27.71 -18.60 -11.56
N SER A 200 -26.57 -19.30 -11.59
CA SER A 200 -25.76 -19.50 -10.39
C SER A 200 -24.95 -18.27 -10.00
N LEU A 201 -24.95 -17.25 -10.87
CA LEU A 201 -24.08 -16.08 -10.69
C LEU A 201 -24.36 -15.32 -9.40
N GLU A 202 -23.29 -14.95 -8.71
CA GLU A 202 -23.39 -14.19 -7.47
C GLU A 202 -22.74 -12.81 -7.63
N TYR A 203 -21.75 -12.73 -8.52
CA TYR A 203 -21.08 -11.47 -8.81
C TYR A 203 -21.06 -11.24 -10.31
N LEU A 204 -21.51 -10.08 -10.74
CA LEU A 204 -21.50 -9.76 -12.16
C LEU A 204 -21.00 -8.34 -12.37
N LEU A 205 -19.83 -8.22 -13.00
CA LEU A 205 -19.22 -6.93 -13.29
C LEU A 205 -19.15 -6.74 -14.80
N VAL A 206 -19.82 -5.71 -15.30
CA VAL A 206 -19.80 -5.40 -16.73
C VAL A 206 -19.56 -3.92 -16.91
N SER A 207 -18.78 -3.35 -15.99
CA SER A 207 -18.49 -1.91 -16.03
C SER A 207 -17.59 -1.52 -17.19
N TYR A 208 -17.69 -0.27 -17.61
CA TYR A 208 -16.83 0.33 -18.66
C TYR A 208 -16.95 -0.31 -20.05
N ASN A 209 -18.16 -0.73 -20.39
CA ASN A 209 -18.48 -1.08 -21.77
C ASN A 209 -19.31 0.03 -22.40
N LEU A 210 -20.29 -0.35 -23.22
CA LEU A 210 -21.15 0.63 -23.86
C LEU A 210 -22.60 0.19 -23.70
N ILE A 211 -22.92 -0.41 -22.57
CA ILE A 211 -24.28 -0.81 -22.26
C ILE A 211 -25.09 0.39 -21.77
N VAL A 212 -25.69 1.13 -22.70
CA VAL A 212 -26.36 2.39 -22.37
C VAL A 212 -27.78 2.19 -21.87
N LYS A 213 -28.30 0.98 -22.04
CA LYS A 213 -29.63 0.64 -21.57
C LYS A 213 -29.66 -0.67 -20.78
N LEU A 214 -30.37 -0.65 -19.65
CA LEU A 214 -30.52 -1.83 -18.80
C LEU A 214 -31.97 -1.99 -18.37
N GLY A 215 -32.47 -3.22 -18.40
CA GLY A 215 -33.80 -3.52 -17.89
C GLY A 215 -33.82 -4.90 -17.27
N PRO A 216 -34.99 -5.35 -16.80
CA PRO A 216 -35.11 -6.71 -16.26
C PRO A 216 -34.82 -7.78 -17.32
N GLU A 217 -34.78 -7.39 -18.59
CA GLU A 217 -34.47 -8.31 -19.69
C GLU A 217 -32.98 -8.60 -19.80
N ASP A 218 -32.18 -7.81 -19.11
CA ASP A 218 -30.73 -7.92 -19.22
C ASP A 218 -30.15 -8.67 -18.02
N LEU A 219 -31.01 -8.97 -17.05
CA LEU A 219 -30.60 -9.66 -15.83
C LEU A 219 -31.51 -10.87 -15.56
N ALA A 220 -32.06 -11.43 -16.64
CA ALA A 220 -33.01 -12.53 -16.55
C ALA A 220 -32.48 -13.73 -15.78
N GLN A 221 -33.23 -14.14 -14.76
CA GLN A 221 -32.97 -15.34 -13.99
C GLN A 221 -31.64 -15.31 -13.23
N LEU A 222 -31.13 -14.10 -12.98
CA LEU A 222 -29.92 -13.93 -12.20
C LEU A 222 -30.30 -13.58 -10.77
N THR A 223 -31.13 -14.44 -10.18
CA THR A 223 -31.75 -14.20 -8.89
C THR A 223 -30.84 -14.47 -7.70
N SER A 224 -29.66 -15.01 -7.96
CA SER A 224 -28.72 -15.23 -6.86
C SER A 224 -27.66 -14.14 -6.81
N LEU A 225 -27.89 -13.04 -7.53
CA LEU A 225 -26.90 -11.96 -7.61
C LEU A 225 -26.65 -11.32 -6.25
N ARG A 226 -25.37 -11.19 -5.88
CA ARG A 226 -25.02 -10.52 -4.63
C ARG A 226 -24.44 -9.16 -4.95
N VAL A 227 -23.49 -9.15 -5.87
CA VAL A 227 -22.89 -7.89 -6.32
C VAL A 227 -23.13 -7.71 -7.81
N LEU A 228 -23.49 -6.50 -8.21
CA LEU A 228 -23.69 -6.17 -9.61
C LEU A 228 -23.03 -4.83 -9.88
N ASP A 229 -22.12 -4.80 -10.84
CA ASP A 229 -21.41 -3.58 -11.18
C ASP A 229 -21.71 -3.24 -12.65
N VAL A 230 -22.51 -2.19 -12.85
CA VAL A 230 -22.87 -1.77 -14.20
C VAL A 230 -22.45 -0.31 -14.50
N GLY A 231 -21.50 0.19 -13.73
CA GLY A 231 -21.09 1.59 -13.85
C GLY A 231 -20.13 1.84 -14.99
N GLY A 232 -19.94 3.11 -15.34
CA GLY A 232 -19.02 3.47 -16.40
C GLY A 232 -19.52 3.15 -17.80
N ASN A 233 -20.81 2.87 -17.93
CA ASN A 233 -21.39 2.56 -19.24
C ASN A 233 -22.00 3.75 -19.97
N CYS A 234 -22.21 4.86 -19.27
CA CYS A 234 -22.65 6.08 -19.94
C CYS A 234 -21.86 7.25 -19.39
N ARG A 235 -20.73 7.52 -20.02
CA ARG A 235 -19.73 8.39 -19.43
C ARG A 235 -19.74 9.81 -19.98
N ARG A 236 -19.36 10.72 -19.09
CA ARG A 236 -19.02 12.09 -19.46
C ARG A 236 -17.50 12.12 -19.57
N CYS A 237 -16.99 12.45 -20.75
CA CYS A 237 -15.54 12.35 -20.97
C CYS A 237 -14.83 13.66 -20.70
N ASP A 238 -15.60 14.68 -20.36
CA ASP A 238 -15.06 15.97 -19.97
C ASP A 238 -14.12 15.77 -18.78
N HIS A 239 -12.87 16.17 -18.96
CA HIS A 239 -11.87 16.07 -17.91
C HIS A 239 -11.76 14.65 -17.36
N ALA A 240 -11.32 13.73 -18.22
CA ALA A 240 -11.03 12.37 -17.84
C ALA A 240 -9.54 12.14 -18.00
N PRO A 241 -8.90 11.55 -16.99
CA PRO A 241 -7.45 11.33 -16.96
C PRO A 241 -7.02 10.46 -18.12
N ASN A 242 -7.91 9.55 -18.51
CA ASN A 242 -7.63 8.57 -19.54
C ASN A 242 -8.68 8.60 -20.65
N PRO A 243 -8.29 8.17 -21.88
CA PRO A 243 -9.19 8.11 -23.05
C PRO A 243 -10.57 7.56 -22.70
N CYS A 244 -11.60 8.25 -23.17
CA CYS A 244 -12.96 8.00 -22.72
C CYS A 244 -13.85 8.02 -23.95
N ILE A 245 -14.94 7.27 -23.91
CA ILE A 245 -15.90 7.28 -25.02
C ILE A 245 -17.20 7.94 -24.57
N GLU A 246 -17.52 9.07 -25.20
CA GLU A 246 -18.69 9.85 -24.82
C GLU A 246 -19.97 9.07 -25.07
N CYS A 247 -20.80 8.97 -24.03
CA CYS A 247 -22.07 8.27 -24.14
C CYS A 247 -22.97 8.99 -25.14
N GLY A 248 -23.83 8.24 -25.83
CA GLY A 248 -24.78 8.85 -26.73
C GLY A 248 -25.83 9.60 -25.94
N GLN A 249 -26.58 8.87 -25.13
CA GLN A 249 -27.63 9.43 -24.28
C GLN A 249 -27.07 10.36 -23.20
N LYS A 250 -27.91 11.25 -22.68
CA LYS A 250 -27.48 12.14 -21.60
C LYS A 250 -27.54 11.44 -20.26
N SER A 251 -27.99 10.20 -20.28
CA SER A 251 -28.06 9.37 -19.09
C SER A 251 -28.21 7.90 -19.46
N LEU A 252 -27.70 7.04 -18.59
CA LEU A 252 -27.98 5.61 -18.65
C LEU A 252 -29.50 5.48 -18.61
N HIS A 253 -30.05 4.62 -19.45
CA HIS A 253 -31.46 4.26 -19.36
C HIS A 253 -31.61 3.08 -18.41
N LEU A 254 -32.31 3.31 -17.30
CA LEU A 254 -32.61 2.24 -16.37
C LEU A 254 -34.13 2.11 -16.23
N HIS A 255 -34.68 0.99 -16.68
CA HIS A 255 -36.05 0.64 -16.40
C HIS A 255 -36.17 0.57 -14.86
N PRO A 256 -37.28 1.08 -14.30
CA PRO A 256 -37.41 1.12 -12.84
C PRO A 256 -37.52 -0.25 -12.17
N GLU A 257 -37.97 -1.27 -12.91
CA GLU A 257 -38.11 -2.62 -12.37
C GLU A 257 -36.87 -3.48 -12.59
N THR A 258 -35.83 -2.87 -13.15
CA THR A 258 -34.58 -3.56 -13.47
C THR A 258 -34.07 -4.48 -12.36
N PHE A 259 -33.90 -3.92 -11.16
CA PHE A 259 -33.25 -4.63 -10.07
C PHE A 259 -34.21 -5.36 -9.12
N HIS A 260 -35.50 -5.32 -9.44
CA HIS A 260 -36.56 -5.79 -8.55
C HIS A 260 -36.46 -7.24 -8.07
N HIS A 261 -35.98 -8.13 -8.92
CA HIS A 261 -35.92 -9.55 -8.60
C HIS A 261 -34.61 -9.94 -7.89
N LEU A 262 -33.74 -8.95 -7.66
CA LEU A 262 -32.46 -9.20 -7.02
C LEU A 262 -32.56 -9.05 -5.49
N SER A 263 -33.32 -9.93 -4.86
CA SER A 263 -33.58 -9.85 -3.42
C SER A 263 -32.33 -10.11 -2.56
N HIS A 264 -31.27 -10.61 -3.19
CA HIS A 264 -30.04 -10.92 -2.45
C HIS A 264 -28.91 -9.96 -2.77
N LEU A 265 -29.23 -8.91 -3.51
CA LEU A 265 -28.25 -7.89 -3.86
C LEU A 265 -27.72 -7.19 -2.61
N GLU A 266 -26.41 -7.24 -2.43
CA GLU A 266 -25.75 -6.63 -1.29
C GLU A 266 -24.90 -5.46 -1.73
N GLY A 267 -24.41 -5.51 -2.97
CA GLY A 267 -23.59 -4.45 -3.52
C GLY A 267 -24.04 -4.10 -4.94
N LEU A 268 -24.25 -2.81 -5.19
CA LEU A 268 -24.63 -2.33 -6.50
C LEU A 268 -23.78 -1.12 -6.83
N VAL A 269 -23.19 -1.09 -8.02
CA VAL A 269 -22.43 0.08 -8.40
C VAL A 269 -22.92 0.74 -9.67
N LEU A 270 -23.22 2.03 -9.55
CA LEU A 270 -23.85 2.80 -10.60
C LEU A 270 -23.02 4.04 -10.93
N LYS A 271 -21.74 3.98 -10.62
CA LYS A 271 -20.87 5.15 -10.79
C LYS A 271 -20.67 5.48 -12.26
N ASP A 272 -20.39 6.76 -12.54
CA ASP A 272 -20.03 7.19 -13.90
C ASP A 272 -21.08 6.71 -14.92
N SER A 273 -22.33 7.05 -14.66
CA SER A 273 -23.44 6.59 -15.50
C SER A 273 -24.27 7.75 -16.01
N SER A 274 -23.80 8.96 -15.71
CA SER A 274 -24.50 10.18 -16.09
C SER A 274 -25.92 10.25 -15.52
N LEU A 275 -26.12 9.68 -14.33
CA LEU A 275 -27.43 9.74 -13.69
C LEU A 275 -27.74 11.17 -13.24
N HIS A 276 -28.96 11.61 -13.49
CA HIS A 276 -29.37 12.98 -13.17
C HIS A 276 -30.46 13.00 -12.10
N THR A 277 -31.08 11.84 -11.89
CA THR A 277 -32.14 11.69 -10.91
C THR A 277 -32.03 10.32 -10.29
N LEU A 278 -32.36 10.22 -9.01
CA LEU A 278 -32.49 8.92 -8.36
C LEU A 278 -33.95 8.53 -8.38
N ASN A 279 -34.23 7.25 -8.57
CA ASN A 279 -35.60 6.79 -8.43
C ASN A 279 -35.74 5.72 -7.35
N SER A 280 -36.63 5.99 -6.40
CA SER A 280 -36.96 5.09 -5.31
C SER A 280 -37.27 3.67 -5.80
N SER A 281 -37.79 3.57 -7.02
CA SER A 281 -38.11 2.26 -7.61
C SER A 281 -36.91 1.31 -7.71
N TRP A 282 -35.79 1.81 -8.26
CA TRP A 282 -34.58 1.01 -8.46
C TRP A 282 -34.22 0.20 -7.22
N PHE A 283 -34.42 0.79 -6.05
CA PHE A 283 -33.99 0.20 -4.79
C PHE A 283 -35.08 -0.60 -4.07
N GLN A 284 -36.33 -0.43 -4.49
CA GLN A 284 -37.50 -1.02 -3.80
C GLN A 284 -37.36 -2.50 -3.44
N GLY A 285 -36.64 -3.26 -4.26
CA GLY A 285 -36.39 -4.66 -3.98
C GLY A 285 -35.04 -4.91 -3.33
N LEU A 286 -34.12 -3.96 -3.53
CA LEU A 286 -32.81 -4.01 -2.89
C LEU A 286 -32.95 -3.69 -1.40
N VAL A 287 -33.19 -4.73 -0.61
CA VAL A 287 -33.44 -4.58 0.83
C VAL A 287 -32.30 -5.18 1.64
N GLN A 288 -31.43 -5.91 0.96
CA GLN A 288 -30.26 -6.49 1.61
C GLN A 288 -29.07 -5.60 1.30
N LEU A 289 -29.34 -4.53 0.57
CA LEU A 289 -28.32 -3.64 0.05
C LEU A 289 -27.43 -3.08 1.16
N SER A 290 -26.13 -3.38 1.06
CA SER A 290 -25.16 -3.02 2.07
C SER A 290 -24.19 -1.96 1.55
N VAL A 291 -23.92 -2.03 0.25
CA VAL A 291 -22.96 -1.15 -0.40
C VAL A 291 -23.57 -0.59 -1.68
N LEU A 292 -23.45 0.73 -1.85
CA LEU A 292 -24.04 1.42 -2.99
C LEU A 292 -23.06 2.49 -3.42
N ASP A 293 -22.69 2.48 -4.69
CA ASP A 293 -21.73 3.44 -5.23
C ASP A 293 -22.46 4.25 -6.29
N LEU A 294 -22.69 5.53 -5.99
CA LEU A 294 -23.34 6.42 -6.93
C LEU A 294 -22.42 7.53 -7.35
N SER A 295 -21.11 7.30 -7.22
CA SER A 295 -20.11 8.33 -7.50
C SER A 295 -20.07 8.73 -8.97
N GLU A 296 -19.44 9.87 -9.25
CA GLU A 296 -19.24 10.33 -10.62
C GLU A 296 -20.52 10.42 -11.47
N ASN A 297 -21.63 10.80 -10.85
CA ASN A 297 -22.86 11.10 -11.59
C ASN A 297 -23.21 12.57 -11.42
N PHE A 298 -24.48 12.91 -11.64
CA PHE A 298 -24.93 14.30 -11.53
C PHE A 298 -26.05 14.39 -10.51
N LEU A 299 -25.74 13.96 -9.28
CA LEU A 299 -26.76 13.79 -8.25
C LEU A 299 -26.66 14.81 -7.11
N TYR A 300 -25.91 15.90 -7.32
CA TYR A 300 -25.81 16.95 -6.31
C TYR A 300 -27.19 17.36 -5.81
N GLU A 301 -28.03 17.80 -6.75
CA GLU A 301 -29.37 18.25 -6.43
C GLU A 301 -30.15 17.12 -5.78
N SER A 302 -30.05 15.94 -6.36
CA SER A 302 -30.81 14.78 -5.91
C SER A 302 -30.60 14.45 -4.43
N ILE A 303 -29.35 14.42 -3.99
CA ILE A 303 -29.02 14.10 -2.61
C ILE A 303 -29.45 15.18 -1.61
N THR A 304 -29.83 16.34 -2.13
CA THR A 304 -30.29 17.43 -1.27
C THR A 304 -31.76 17.25 -0.88
N HIS A 305 -32.44 16.32 -1.54
CA HIS A 305 -33.89 16.22 -1.39
C HIS A 305 -34.55 14.87 -1.65
N THR A 306 -33.82 13.93 -2.25
CA THR A 306 -34.43 12.65 -2.68
C THR A 306 -35.04 11.82 -1.56
N ASN A 307 -36.06 11.04 -1.90
CA ASN A 307 -36.68 10.11 -0.96
C ASN A 307 -36.09 8.71 -1.05
N ALA A 308 -35.15 8.54 -1.99
CA ALA A 308 -34.60 7.22 -2.33
C ALA A 308 -33.94 6.49 -1.17
N PHE A 309 -33.39 7.24 -0.22
CA PHE A 309 -32.66 6.62 0.90
C PHE A 309 -33.59 6.21 2.04
N GLN A 310 -34.89 6.43 1.87
CA GLN A 310 -35.86 6.16 2.93
C GLN A 310 -35.85 4.72 3.46
N ASN A 311 -35.75 3.75 2.56
CA ASN A 311 -35.82 2.36 2.97
C ASN A 311 -34.51 1.58 2.89
N LEU A 312 -33.42 2.28 2.52
CA LEU A 312 -32.11 1.65 2.44
C LEU A 312 -31.56 1.37 3.83
N THR A 313 -32.33 0.60 4.60
CA THR A 313 -32.13 0.41 6.03
C THR A 313 -30.89 -0.44 6.39
N ARG A 314 -30.39 -1.22 5.43
CA ARG A 314 -29.21 -2.05 5.66
C ARG A 314 -27.92 -1.46 5.12
N LEU A 315 -28.03 -0.32 4.43
CA LEU A 315 -26.87 0.26 3.76
C LEU A 315 -25.76 0.57 4.76
N ARG A 316 -24.58 0.00 4.53
CA ARG A 316 -23.41 0.22 5.39
C ARG A 316 -22.47 1.24 4.76
N LYS A 317 -22.30 1.14 3.44
CA LYS A 317 -21.36 1.98 2.72
C LYS A 317 -22.08 2.71 1.59
N LEU A 318 -21.89 4.02 1.53
CA LEU A 318 -22.50 4.82 0.48
C LEU A 318 -21.46 5.78 -0.10
N ASN A 319 -21.31 5.74 -1.42
CA ASN A 319 -20.35 6.58 -2.10
C ASN A 319 -21.11 7.62 -2.92
N LEU A 320 -20.89 8.89 -2.62
CA LEU A 320 -21.58 9.97 -3.28
C LEU A 320 -20.56 10.88 -3.93
N SER A 321 -19.30 10.44 -3.89
CA SER A 321 -18.17 11.25 -4.31
C SER A 321 -18.24 11.68 -5.77
N PHE A 322 -17.71 12.87 -6.05
CA PHE A 322 -17.66 13.43 -7.40
C PHE A 322 -19.03 13.50 -8.10
N ASN A 323 -20.06 13.84 -7.33
CA ASN A 323 -21.37 14.10 -7.93
C ASN A 323 -21.56 15.58 -8.26
N TYR A 324 -21.86 15.84 -9.53
CA TYR A 324 -21.91 17.21 -10.04
C TYR A 324 -23.31 17.75 -10.05
N ARG A 325 -23.44 19.04 -10.36
CA ARG A 325 -24.72 19.71 -10.37
C ARG A 325 -25.44 19.52 -11.70
N LYS A 326 -26.75 19.34 -11.62
CA LYS A 326 -27.59 19.16 -12.80
C LYS A 326 -27.87 20.51 -13.44
N LYS A 327 -28.19 21.50 -12.61
CA LYS A 327 -28.40 22.86 -13.06
C LYS A 327 -27.50 23.86 -12.33
N VAL A 328 -27.03 24.86 -13.06
CA VAL A 328 -26.17 25.92 -12.51
C VAL A 328 -26.78 26.58 -11.28
N SER A 329 -28.10 26.72 -11.30
CA SER A 329 -28.85 27.24 -10.15
C SER A 329 -28.97 26.14 -9.09
N PHE A 330 -28.36 26.39 -7.93
CA PHE A 330 -28.32 25.39 -6.86
C PHE A 330 -28.41 26.03 -5.48
N ALA A 331 -28.86 25.24 -4.50
CA ALA A 331 -28.90 25.69 -3.12
C ALA A 331 -27.67 25.17 -2.37
N ARG A 332 -27.31 25.85 -1.27
CA ARG A 332 -26.21 25.39 -0.42
C ARG A 332 -26.48 23.98 0.08
N LEU A 333 -25.45 23.16 0.04
CA LEU A 333 -25.55 21.73 0.35
C LEU A 333 -26.28 21.47 1.66
N HIS A 334 -27.37 20.70 1.55
CA HIS A 334 -28.19 20.29 2.66
C HIS A 334 -28.64 18.86 2.37
N LEU A 335 -27.95 17.88 2.94
CA LEU A 335 -28.29 16.47 2.74
C LEU A 335 -29.78 16.18 3.04
N ALA A 336 -30.40 15.36 2.18
CA ALA A 336 -31.82 15.04 2.27
C ALA A 336 -32.23 14.48 3.64
N SER A 337 -33.49 14.69 4.01
CA SER A 337 -33.97 14.22 5.31
C SER A 337 -34.11 12.70 5.34
N SER A 338 -34.18 12.08 4.15
CA SER A 338 -34.27 10.63 4.06
C SER A 338 -32.97 9.96 4.57
N PHE A 339 -31.89 10.72 4.60
CA PHE A 339 -30.61 10.25 5.13
C PHE A 339 -30.71 9.79 6.59
N LYS A 340 -31.74 10.26 7.29
CA LYS A 340 -31.92 9.91 8.70
C LYS A 340 -32.40 8.48 8.88
N ASN A 341 -32.84 7.83 7.80
CA ASN A 341 -33.24 6.43 7.84
C ASN A 341 -32.06 5.46 7.72
N LEU A 342 -30.89 5.97 7.33
CA LEU A 342 -29.74 5.11 7.09
C LEU A 342 -29.06 4.64 8.39
N VAL A 343 -29.82 3.93 9.22
CA VAL A 343 -29.39 3.58 10.58
C VAL A 343 -28.27 2.55 10.62
N SER A 344 -28.04 1.85 9.50
CA SER A 344 -26.96 0.88 9.40
C SER A 344 -25.67 1.48 8.84
N LEU A 345 -25.74 2.75 8.45
CA LEU A 345 -24.65 3.39 7.72
C LEU A 345 -23.39 3.52 8.57
N GLN A 346 -22.27 3.05 8.03
CA GLN A 346 -21.01 3.04 8.74
C GLN A 346 -20.00 3.99 8.10
N GLU A 347 -20.10 4.12 6.77
CA GLU A 347 -19.11 4.87 6.00
C GLU A 347 -19.79 5.63 4.89
N LEU A 348 -19.53 6.93 4.82
CA LEU A 348 -20.11 7.77 3.79
C LEU A 348 -18.97 8.50 3.08
N ASN A 349 -18.87 8.35 1.77
CA ASN A 349 -17.83 9.02 1.00
C ASN A 349 -18.41 10.22 0.26
N MET A 350 -17.94 11.41 0.62
CA MET A 350 -18.39 12.65 0.00
C MET A 350 -17.22 13.50 -0.49
N ASN A 351 -16.18 12.82 -1.01
CA ASN A 351 -15.05 13.53 -1.60
C ASN A 351 -15.47 14.19 -2.91
N GLY A 352 -14.86 15.33 -3.22
CA GLY A 352 -14.95 15.92 -4.55
C GLY A 352 -16.31 16.38 -5.02
N ILE A 353 -17.22 16.64 -4.09
CA ILE A 353 -18.55 17.15 -4.44
C ILE A 353 -18.53 18.67 -4.65
N PHE A 354 -17.67 19.35 -3.89
CA PHE A 354 -17.52 20.82 -3.90
C PHE A 354 -18.66 21.52 -3.18
N PHE A 355 -18.33 22.10 -2.02
CA PHE A 355 -19.23 22.99 -1.31
C PHE A 355 -18.44 23.86 -0.34
N ARG A 356 -18.65 25.17 -0.44
CA ARG A 356 -17.85 26.13 0.31
C ARG A 356 -18.04 26.05 1.82
N LEU A 357 -19.13 25.42 2.23
CA LEU A 357 -19.71 25.66 3.53
C LEU A 357 -20.13 24.40 4.27
N LEU A 358 -19.50 24.16 5.43
CA LEU A 358 -19.88 23.06 6.28
C LEU A 358 -20.46 23.67 7.56
N ASN A 359 -21.78 23.57 7.71
CA ASN A 359 -22.50 24.20 8.81
C ASN A 359 -23.41 23.23 9.56
N LYS A 360 -24.21 23.75 10.47
CA LYS A 360 -25.05 22.91 11.32
C LYS A 360 -26.25 22.27 10.59
N TYR A 361 -26.46 22.64 9.34
CA TYR A 361 -27.54 22.06 8.53
C TYR A 361 -27.02 21.12 7.45
N THR A 362 -25.77 21.33 7.06
CA THR A 362 -25.14 20.59 5.96
C THR A 362 -25.26 19.07 6.10
N LEU A 363 -24.86 18.57 7.27
CA LEU A 363 -24.77 17.15 7.53
C LEU A 363 -25.75 16.80 8.62
N ARG A 364 -26.68 17.71 8.87
CA ARG A 364 -27.61 17.61 10.00
C ARG A 364 -28.29 16.24 10.15
N TRP A 365 -28.80 15.71 9.05
CA TRP A 365 -29.56 14.46 9.12
C TRP A 365 -28.73 13.19 9.34
N LEU A 366 -27.40 13.34 9.43
CA LEU A 366 -26.52 12.20 9.74
C LEU A 366 -26.23 12.10 11.25
N ALA A 367 -26.51 13.18 11.98
CA ALA A 367 -26.07 13.32 13.37
C ALA A 367 -26.59 12.23 14.32
N ASP A 368 -27.76 11.68 14.05
CA ASP A 368 -28.34 10.69 14.97
C ASP A 368 -28.16 9.23 14.53
N LEU A 369 -27.54 9.03 13.37
CA LEU A 369 -27.22 7.70 12.87
C LEU A 369 -26.27 6.96 13.81
N PRO A 370 -26.69 5.79 14.31
CA PRO A 370 -26.04 5.10 15.43
C PRO A 370 -24.69 4.46 15.13
N LYS A 371 -24.36 4.23 13.86
CA LYS A 371 -23.20 3.43 13.53
C LYS A 371 -22.22 4.11 12.58
N LEU A 372 -22.48 5.36 12.24
CA LEU A 372 -21.69 6.12 11.28
C LEU A 372 -20.29 6.42 11.81
N HIS A 373 -19.29 5.66 11.37
CA HIS A 373 -17.93 5.82 11.90
C HIS A 373 -16.97 6.61 11.02
N THR A 374 -17.23 6.64 9.72
CA THR A 374 -16.26 7.21 8.79
C THR A 374 -16.88 8.19 7.78
N LEU A 375 -16.28 9.36 7.64
CA LEU A 375 -16.84 10.43 6.81
C LEU A 375 -15.75 11.01 5.92
N HIS A 376 -15.86 10.78 4.62
CA HIS A 376 -14.86 11.28 3.68
C HIS A 376 -15.31 12.61 3.11
N LEU A 377 -14.50 13.64 3.31
CA LEU A 377 -14.87 15.00 2.94
C LEU A 377 -13.73 15.74 2.26
N GLN A 378 -12.83 14.99 1.62
CA GLN A 378 -11.71 15.57 0.87
C GLN A 378 -12.12 16.33 -0.38
N MET A 379 -11.29 17.30 -0.77
CA MET A 379 -11.36 17.95 -2.07
C MET A 379 -12.72 18.59 -2.37
N ASN A 380 -13.24 19.34 -1.39
CA ASN A 380 -14.55 19.95 -1.54
C ASN A 380 -14.49 21.48 -1.53
N PHE A 381 -13.27 22.00 -1.49
CA PHE A 381 -13.03 23.44 -1.44
C PHE A 381 -13.79 24.14 -0.30
N ILE A 382 -13.93 23.44 0.83
CA ILE A 382 -14.59 24.02 1.99
C ILE A 382 -13.74 25.15 2.56
N ASN A 383 -14.29 26.35 2.64
CA ASN A 383 -13.56 27.48 3.20
C ASN A 383 -14.23 28.08 4.43
N GLN A 384 -15.37 27.50 4.82
CA GLN A 384 -16.05 27.86 6.06
C GLN A 384 -16.55 26.59 6.73
N ALA A 385 -15.97 26.26 7.86
CA ALA A 385 -16.29 25.01 8.54
C ALA A 385 -16.50 25.19 10.03
N GLN A 386 -17.71 24.88 10.47
CA GLN A 386 -18.03 24.82 11.89
C GLN A 386 -17.76 23.39 12.35
N LEU A 387 -16.51 23.10 12.67
CA LEU A 387 -16.09 21.75 13.01
C LEU A 387 -16.78 21.19 14.25
N SER A 388 -17.38 22.06 15.05
CA SER A 388 -18.06 21.67 16.29
C SER A 388 -19.20 20.68 16.09
N ILE A 389 -19.82 20.68 14.91
CA ILE A 389 -20.87 19.72 14.57
C ILE A 389 -20.46 18.26 14.76
N PHE A 390 -19.18 17.95 14.55
CA PHE A 390 -18.70 16.57 14.63
C PHE A 390 -18.56 16.09 16.08
N GLY A 391 -18.87 16.98 17.02
CA GLY A 391 -18.83 16.62 18.43
C GLY A 391 -20.20 16.14 18.89
N THR A 392 -21.17 16.22 17.99
CA THR A 392 -22.56 15.85 18.33
C THR A 392 -22.99 14.51 17.73
N PHE A 393 -22.11 13.90 16.94
CA PHE A 393 -22.39 12.61 16.31
C PHE A 393 -22.23 11.46 17.31
N ARG A 394 -22.86 10.33 17.00
CA ARG A 394 -22.90 9.20 17.94
C ARG A 394 -21.62 8.37 17.96
N ALA A 395 -21.04 8.08 16.79
CA ALA A 395 -19.99 7.06 16.72
C ALA A 395 -18.84 7.36 15.77
N LEU A 396 -18.65 8.62 15.39
CA LEU A 396 -17.56 8.98 14.49
C LEU A 396 -16.20 8.54 15.02
N ARG A 397 -15.39 7.99 14.12
CA ARG A 397 -14.02 7.60 14.43
C ARG A 397 -13.05 8.25 13.45
N PHE A 398 -13.55 8.56 12.25
CA PHE A 398 -12.67 9.16 11.24
C PHE A 398 -13.43 10.21 10.42
N VAL A 399 -12.93 11.44 10.45
CA VAL A 399 -13.43 12.47 9.56
C VAL A 399 -12.24 13.01 8.78
N ASP A 400 -12.34 12.96 7.45
CA ASP A 400 -11.24 13.33 6.58
C ASP A 400 -11.57 14.63 5.86
N LEU A 401 -10.96 15.72 6.29
CA LEU A 401 -11.21 17.03 5.71
C LEU A 401 -9.96 17.53 5.00
N SER A 402 -9.06 16.61 4.67
CA SER A 402 -7.82 16.96 4.03
C SER A 402 -8.07 17.49 2.62
N ASP A 403 -7.16 18.33 2.14
CA ASP A 403 -7.29 18.96 0.83
C ASP A 403 -8.57 19.78 0.75
N ASN A 404 -8.65 20.83 1.56
CA ASN A 404 -9.72 21.80 1.47
C ASN A 404 -9.14 23.20 1.64
N ARG A 405 -9.98 24.17 1.99
CA ARG A 405 -9.53 25.56 2.06
C ARG A 405 -9.91 26.20 3.39
N ILE A 406 -9.91 25.41 4.45
CA ILE A 406 -10.22 25.93 5.77
C ILE A 406 -9.03 26.74 6.27
N SER A 407 -9.32 27.89 6.88
CA SER A 407 -8.28 28.81 7.34
C SER A 407 -8.52 29.28 8.77
N GLY A 408 -9.55 28.76 9.41
CA GLY A 408 -9.81 29.10 10.81
C GLY A 408 -11.19 28.76 11.32
N PRO A 409 -11.52 29.24 12.53
CA PRO A 409 -12.84 29.04 13.14
C PRO A 409 -13.90 29.78 12.35
N SER A 410 -15.15 29.34 12.43
CA SER A 410 -16.23 29.95 11.67
C SER A 410 -16.93 31.07 12.43
N THR A 411 -17.76 31.83 11.72
CA THR A 411 -18.58 32.89 12.33
C THR A 411 -20.06 32.63 12.06
N ASN A 445 6.19 5.71 8.85
CA ASN A 445 6.17 7.08 8.36
C ASN A 445 5.34 7.99 9.26
N PHE A 446 4.03 7.96 9.08
CA PHE A 446 3.16 8.84 9.87
C PHE A 446 2.66 8.24 11.19
N MET A 447 2.66 9.07 12.22
CA MET A 447 2.25 8.65 13.55
C MET A 447 0.74 8.45 13.60
N ASP A 448 0.02 9.03 12.64
CA ASP A 448 -1.45 8.97 12.61
C ASP A 448 -1.99 7.56 12.40
N ARG A 449 -1.66 6.68 13.33
CA ARG A 449 -2.04 5.28 13.27
C ARG A 449 -2.16 4.83 14.72
N CYS A 450 -3.34 4.93 15.36
CA CYS A 450 -4.63 5.57 14.92
C CYS A 450 -5.67 4.76 14.12
N LYS A 451 -5.32 3.60 13.57
CA LYS A 451 -6.29 2.87 12.74
C LYS A 451 -7.60 2.57 13.46
N ASN A 452 -8.73 2.73 12.76
CA ASN A 452 -10.00 2.17 13.20
C ASN A 452 -10.50 2.54 14.62
N PHE A 453 -9.58 2.58 15.57
CA PHE A 453 -9.93 2.60 16.99
C PHE A 453 -10.12 4.01 17.56
N LYS A 454 -9.14 4.89 17.36
CA LYS A 454 -9.22 6.24 17.91
C LYS A 454 -10.12 7.20 17.11
N PHE A 455 -10.63 8.24 17.79
CA PHE A 455 -11.37 9.33 17.15
C PHE A 455 -10.37 10.25 16.46
N THR A 456 -10.44 10.30 15.14
CA THR A 456 -9.41 10.91 14.32
C THR A 456 -9.99 11.96 13.38
N MET A 457 -9.31 13.09 13.23
CA MET A 457 -9.68 14.10 12.24
C MET A 457 -8.44 14.43 11.41
N ASP A 458 -8.61 14.46 10.09
CA ASP A 458 -7.52 14.84 9.20
C ASP A 458 -7.80 16.22 8.64
N LEU A 459 -7.01 17.22 9.05
CA LEU A 459 -7.13 18.54 8.46
C LEU A 459 -5.92 18.93 7.62
N SER A 460 -5.17 17.95 7.13
CA SER A 460 -3.96 18.24 6.39
C SER A 460 -4.28 18.87 5.04
N ARG A 461 -3.34 19.62 4.49
CA ARG A 461 -3.50 20.26 3.19
C ARG A 461 -4.69 21.20 3.15
N ASN A 462 -4.79 22.04 4.17
CA ASN A 462 -5.77 23.11 4.15
C ASN A 462 -5.02 24.42 4.08
N ASN A 463 -5.63 25.50 4.55
CA ASN A 463 -4.98 26.80 4.48
C ASN A 463 -4.81 27.44 5.85
N LEU A 464 -4.53 26.62 6.85
CA LEU A 464 -4.27 27.14 8.19
C LEU A 464 -2.93 27.89 8.30
N VAL A 465 -3.00 29.12 8.79
CA VAL A 465 -1.83 29.96 9.00
C VAL A 465 -1.64 30.12 10.50
N THR A 466 -2.76 30.25 11.19
CA THR A 466 -2.77 30.40 12.65
C THR A 466 -3.79 29.43 13.24
N ILE A 467 -3.40 28.74 14.29
CA ILE A 467 -4.31 27.87 15.03
C ILE A 467 -4.91 28.64 16.21
N LYS A 468 -6.24 28.73 16.24
CA LYS A 468 -6.95 29.35 17.35
C LYS A 468 -7.76 28.28 18.07
N PRO A 469 -7.74 28.29 19.42
CA PRO A 469 -8.40 27.26 20.23
C PRO A 469 -9.89 27.12 19.94
N GLU A 470 -10.52 28.23 19.54
CA GLU A 470 -11.96 28.22 19.26
C GLU A 470 -12.32 27.27 18.11
N MET A 471 -11.35 26.97 17.26
CA MET A 471 -11.63 26.11 16.12
C MET A 471 -11.88 24.67 16.58
N PHE A 472 -11.51 24.37 17.83
CA PHE A 472 -11.64 23.02 18.37
C PHE A 472 -12.75 22.81 19.41
N VAL A 473 -13.58 23.82 19.67
CA VAL A 473 -14.67 23.65 20.63
C VAL A 473 -15.54 22.46 20.24
N GLN A 474 -16.05 21.74 21.23
CA GLN A 474 -16.85 20.51 21.04
C GLN A 474 -16.11 19.31 20.44
N LEU A 475 -14.81 19.45 20.18
CA LEU A 475 -14.03 18.35 19.59
C LEU A 475 -13.16 17.64 20.63
N SER A 476 -13.55 17.75 21.89
CA SER A 476 -12.71 17.32 23.01
C SER A 476 -12.50 15.82 23.11
N ARG A 477 -13.29 15.03 22.40
CA ARG A 477 -13.07 13.59 22.35
C ARG A 477 -11.98 13.17 21.38
N LEU A 478 -11.57 14.08 20.48
CA LEU A 478 -10.51 13.78 19.50
C LEU A 478 -9.26 13.14 20.11
N GLN A 479 -8.81 12.03 19.53
CA GLN A 479 -7.60 11.37 19.98
C GLN A 479 -6.42 11.49 19.02
N CYS A 480 -6.71 11.75 17.75
CA CYS A 480 -5.64 11.90 16.75
C CYS A 480 -6.01 13.03 15.80
N LEU A 481 -5.06 13.94 15.55
CA LEU A 481 -5.32 15.08 14.70
C LEU A 481 -4.16 15.30 13.76
N SER A 482 -4.46 15.55 12.49
CA SER A 482 -3.41 15.93 11.56
C SER A 482 -3.58 17.34 11.06
N LEU A 483 -2.50 18.12 11.11
CA LEU A 483 -2.52 19.48 10.59
C LEU A 483 -1.35 19.65 9.63
N SER A 484 -0.84 18.54 9.14
CA SER A 484 0.32 18.56 8.25
C SER A 484 0.03 19.28 6.94
N HIS A 485 1.08 19.82 6.33
CA HIS A 485 0.99 20.49 5.03
C HIS A 485 -0.04 21.62 5.03
N ASN A 486 0.02 22.45 6.06
CA ASN A 486 -0.71 23.69 6.04
C ASN A 486 0.35 24.76 5.93
N SER A 487 0.03 25.99 6.31
CA SER A 487 1.06 27.04 6.31
C SER A 487 1.14 27.70 7.68
N ILE A 488 1.09 26.88 8.72
CA ILE A 488 1.04 27.38 10.09
C ILE A 488 2.35 28.05 10.50
N ALA A 489 2.31 29.38 10.55
CA ALA A 489 3.48 30.17 10.92
C ALA A 489 3.18 30.87 12.23
N GLN A 490 3.67 30.32 13.33
CA GLN A 490 3.19 30.72 14.64
C GLN A 490 4.17 30.25 15.71
N ALA A 491 4.39 31.10 16.71
CA ALA A 491 5.04 30.69 17.94
C ALA A 491 3.98 30.00 18.80
N VAL A 492 4.11 28.69 18.92
CA VAL A 492 3.15 27.90 19.68
C VAL A 492 3.53 28.00 21.17
N ASN A 493 2.55 28.07 22.07
CA ASN A 493 2.83 28.48 23.45
C ASN A 493 1.91 27.92 24.54
N GLY A 494 1.14 26.88 24.21
CA GLY A 494 0.25 26.29 25.19
C GLY A 494 -1.17 26.83 25.15
N SER A 495 -1.42 27.81 24.27
CA SER A 495 -2.74 28.42 24.15
C SER A 495 -3.49 28.05 22.87
N GLN A 496 -2.92 27.16 22.06
CA GLN A 496 -3.52 26.86 20.76
C GLN A 496 -4.55 25.72 20.77
N PHE A 497 -4.39 24.77 21.69
CA PHE A 497 -5.11 23.51 21.60
C PHE A 497 -5.99 23.18 22.82
N LEU A 498 -6.41 24.21 23.55
CA LEU A 498 -7.06 24.02 24.85
C LEU A 498 -8.16 22.96 24.92
N PRO A 499 -9.13 22.99 24.00
CA PRO A 499 -10.20 21.99 24.12
C PRO A 499 -9.77 20.52 23.91
N LEU A 500 -8.57 20.29 23.36
CA LEU A 500 -8.17 18.93 22.99
C LEU A 500 -7.57 18.14 24.16
N THR A 501 -8.34 18.03 25.24
CA THR A 501 -7.92 17.38 26.48
C THR A 501 -7.58 15.90 26.32
N ASN A 502 -8.02 15.29 25.23
CA ASN A 502 -7.85 13.85 25.08
C ASN A 502 -6.86 13.48 23.97
N LEU A 503 -6.36 14.49 23.28
CA LEU A 503 -5.50 14.25 22.12
C LEU A 503 -4.27 13.43 22.46
N GLN A 504 -4.05 12.35 21.73
CA GLN A 504 -2.90 11.47 21.94
C GLN A 504 -1.86 11.60 20.83
N VAL A 505 -2.32 11.86 19.60
CA VAL A 505 -1.47 11.89 18.43
C VAL A 505 -1.66 13.18 17.67
N LEU A 506 -0.57 13.90 17.42
CA LEU A 506 -0.63 15.20 16.72
C LEU A 506 0.41 15.29 15.61
N ASP A 507 -0.05 15.49 14.38
CA ASP A 507 0.86 15.61 13.24
C ASP A 507 0.88 17.04 12.74
N LEU A 508 2.01 17.71 12.94
CA LEU A 508 2.15 19.12 12.55
C LEU A 508 3.26 19.26 11.53
N SER A 509 3.53 18.19 10.81
CA SER A 509 4.66 18.17 9.88
C SER A 509 4.41 19.11 8.72
N HIS A 510 5.49 19.59 8.11
CA HIS A 510 5.41 20.44 6.92
C HIS A 510 4.70 21.76 7.18
N ASN A 511 5.04 22.41 8.29
CA ASN A 511 4.53 23.73 8.58
C ASN A 511 5.70 24.69 8.85
N LYS A 512 5.45 25.80 9.54
CA LYS A 512 6.48 26.83 9.72
C LYS A 512 6.51 27.32 11.16
N LEU A 513 6.55 26.39 12.10
CA LEU A 513 6.39 26.69 13.51
C LEU A 513 7.65 27.25 14.17
N ASP A 514 7.46 28.24 15.03
CA ASP A 514 8.49 28.64 16.01
C ASP A 514 8.35 27.72 17.22
N LEU A 515 9.47 27.10 17.62
CA LEU A 515 9.45 26.06 18.64
C LEU A 515 10.40 26.39 19.79
N TYR A 516 10.53 27.68 20.10
CA TYR A 516 11.39 28.14 21.19
C TYR A 516 10.68 28.21 22.55
N HIS A 517 9.35 28.12 22.54
CA HIS A 517 8.59 28.34 23.78
C HIS A 517 8.45 27.05 24.58
N TRP A 518 9.05 27.02 25.78
CA TRP A 518 8.99 25.83 26.63
C TRP A 518 7.58 25.44 27.08
N LYS A 519 6.61 26.33 26.86
CA LYS A 519 5.22 25.98 27.18
C LYS A 519 4.49 25.30 26.02
N SER A 520 5.17 25.15 24.88
CA SER A 520 4.55 24.57 23.68
C SER A 520 3.89 23.24 23.99
N PHE A 521 2.62 23.13 23.62
CA PHE A 521 1.89 21.87 23.71
C PHE A 521 1.61 21.45 25.15
N SER A 522 1.79 22.36 26.11
CA SER A 522 1.54 22.02 27.51
C SER A 522 0.05 21.79 27.79
N GLU A 523 -0.82 22.22 26.88
CA GLU A 523 -2.27 22.05 27.06
C GLU A 523 -2.78 20.71 26.52
N LEU A 524 -1.87 19.81 26.14
CA LEU A 524 -2.25 18.48 25.66
C LEU A 524 -1.76 17.40 26.62
N PRO A 525 -2.47 17.20 27.74
CA PRO A 525 -1.95 16.31 28.79
C PRO A 525 -1.85 14.85 28.39
N GLN A 526 -2.61 14.40 27.40
CA GLN A 526 -2.53 12.99 27.01
C GLN A 526 -1.64 12.74 25.77
N LEU A 527 -0.89 13.76 25.35
CA LEU A 527 -0.10 13.64 24.12
C LEU A 527 0.96 12.54 24.19
N GLN A 528 0.89 11.56 23.27
CA GLN A 528 1.87 10.48 23.26
C GLN A 528 2.81 10.51 22.05
N ALA A 529 2.30 10.99 20.92
CA ALA A 529 3.05 11.00 19.67
C ALA A 529 2.92 12.36 18.99
N LEU A 530 4.04 12.96 18.63
CA LEU A 530 4.07 14.31 18.05
C LEU A 530 5.04 14.36 16.88
N ASP A 531 4.52 14.69 15.70
CA ASP A 531 5.32 14.78 14.51
C ASP A 531 5.52 16.25 14.14
N LEU A 532 6.77 16.73 14.23
CA LEU A 532 7.11 18.09 13.81
C LEU A 532 8.15 18.09 12.69
N SER A 533 8.18 17.01 11.91
CA SER A 533 9.14 16.91 10.82
C SER A 533 8.88 17.96 9.76
N TYR A 534 9.92 18.33 9.01
CA TYR A 534 9.82 19.30 7.93
C TYR A 534 9.29 20.66 8.37
N ASN A 535 9.70 21.08 9.56
CA ASN A 535 9.36 22.41 10.03
C ASN A 535 10.42 23.41 9.55
N SER A 536 9.99 24.45 8.87
CA SER A 536 10.94 25.44 8.36
C SER A 536 10.81 26.80 9.06
N GLN A 537 11.80 27.66 8.83
CA GLN A 537 11.84 29.01 9.38
C GLN A 537 12.52 29.96 8.40
N PRO A 538 11.76 30.48 7.44
CA PRO A 538 12.29 31.35 6.37
C PRO A 538 12.66 32.71 6.91
N PHE A 539 12.06 33.06 8.05
CA PHE A 539 12.34 34.33 8.68
C PHE A 539 13.19 34.14 9.95
N GLY A 543 15.64 36.25 18.82
CA GLY A 543 16.61 35.39 19.48
C GLY A 543 16.29 35.15 20.94
N ILE A 544 15.24 34.37 21.21
CA ILE A 544 14.81 34.08 22.57
C ILE A 544 14.42 32.63 22.80
N GLY A 545 14.25 32.26 24.07
CA GLY A 545 13.94 30.88 24.42
C GLY A 545 14.98 29.91 23.88
N HIS A 546 14.60 28.66 23.74
CA HIS A 546 15.48 27.68 23.11
C HIS A 546 14.68 26.64 22.35
N GLN A 547 15.04 26.43 21.08
CA GLN A 547 14.38 25.46 20.22
C GLN A 547 14.30 24.12 20.92
N PHE A 548 13.07 23.62 21.06
CA PHE A 548 12.80 22.28 21.63
C PHE A 548 12.88 22.23 23.15
N SER A 549 12.84 23.38 23.81
CA SER A 549 12.94 23.38 25.27
C SER A 549 11.75 22.65 25.90
N PHE A 550 10.65 22.60 25.16
CA PHE A 550 9.39 22.08 25.67
C PHE A 550 9.38 20.58 25.92
N VAL A 551 10.32 19.86 25.29
CA VAL A 551 10.28 18.39 25.31
C VAL A 551 10.16 17.80 26.73
N THR A 552 10.94 18.34 27.67
CA THR A 552 10.99 17.81 29.03
C THR A 552 9.70 17.98 29.81
N HIS A 553 8.80 18.82 29.29
CA HIS A 553 7.56 19.13 29.99
C HIS A 553 6.37 18.33 29.47
N LEU A 554 6.61 17.48 28.48
CA LEU A 554 5.57 16.66 27.87
C LEU A 554 5.54 15.28 28.52
N SER A 555 4.72 15.17 29.57
CA SER A 555 4.80 14.07 30.54
C SER A 555 4.40 12.70 29.98
N MET A 556 3.66 12.69 28.89
CA MET A 556 3.22 11.43 28.31
C MET A 556 3.84 11.11 26.96
N LEU A 557 4.68 12.01 26.47
CA LEU A 557 5.28 11.86 25.14
C LEU A 557 6.09 10.57 25.02
N GLN A 558 5.72 9.69 24.09
CA GLN A 558 6.49 8.47 23.82
C GLN A 558 7.26 8.51 22.51
N SER A 559 6.69 9.19 21.51
CA SER A 559 7.28 9.18 20.17
C SER A 559 7.36 10.59 19.66
N LEU A 560 8.54 10.96 19.18
CA LEU A 560 8.76 12.33 18.77
C LEU A 560 9.53 12.37 17.46
N SER A 561 9.07 13.21 16.55
CA SER A 561 9.83 13.44 15.33
C SER A 561 10.20 14.90 15.19
N LEU A 562 11.50 15.17 15.09
CA LEU A 562 11.99 16.50 14.72
C LEU A 562 12.76 16.45 13.40
N ALA A 563 12.54 15.38 12.63
CA ALA A 563 13.24 15.14 11.37
C ALA A 563 13.22 16.30 10.38
N HIS A 564 14.32 16.50 9.68
CA HIS A 564 14.38 17.47 8.59
C HIS A 564 13.92 18.88 8.99
N ASN A 565 14.42 19.32 10.15
CA ASN A 565 14.02 20.62 10.72
C ASN A 565 15.04 21.69 10.40
N ASP A 566 14.59 22.93 10.29
CA ASP A 566 15.52 24.05 10.31
C ASP A 566 15.94 24.29 11.77
N ILE A 567 17.24 24.17 12.03
CA ILE A 567 17.76 24.22 13.37
C ILE A 567 18.80 25.34 13.48
N HIS A 568 18.54 26.36 14.30
CA HIS A 568 19.45 27.50 14.39
C HIS A 568 20.37 27.47 15.60
N THR A 569 21.13 28.55 15.79
CA THR A 569 22.19 28.59 16.80
C THR A 569 21.69 28.43 18.24
N ARG A 570 20.45 28.83 18.50
CA ARG A 570 19.91 28.74 19.84
C ARG A 570 19.12 27.46 20.13
N VAL A 571 19.55 26.33 19.56
CA VAL A 571 18.94 25.06 19.96
C VAL A 571 19.28 24.78 21.40
N SER A 572 18.34 24.20 22.12
CA SER A 572 18.61 23.68 23.46
C SER A 572 19.74 22.67 23.32
N SER A 573 20.75 22.74 24.19
CA SER A 573 21.88 21.82 24.09
C SER A 573 21.56 20.46 24.68
N HIS A 574 20.42 20.36 25.37
CA HIS A 574 19.94 19.09 25.91
C HIS A 574 18.49 18.86 25.53
N LEU A 575 18.18 17.65 25.08
CA LEU A 575 16.81 17.19 25.02
C LEU A 575 16.66 16.38 26.30
N ASN A 576 15.56 16.57 27.02
CA ASN A 576 15.35 15.91 28.30
C ASN A 576 13.97 15.30 28.31
N SER A 577 13.84 14.11 28.88
CA SER A 577 12.53 13.45 28.99
C SER A 577 12.66 12.19 29.82
N ASN A 578 11.56 11.78 30.44
CA ASN A 578 11.51 10.51 31.16
C ASN A 578 10.59 9.53 30.43
N SER A 579 9.95 10.01 29.36
CA SER A 579 8.91 9.24 28.69
C SER A 579 9.20 8.89 27.22
N VAL A 580 10.00 9.69 26.53
CA VAL A 580 10.32 9.46 25.10
C VAL A 580 11.03 8.11 24.90
N ARG A 581 10.48 7.28 24.01
CA ARG A 581 11.06 5.97 23.71
C ARG A 581 11.50 5.91 22.25
N PHE A 582 10.96 6.80 21.44
CA PHE A 582 11.34 6.90 20.04
C PHE A 582 11.54 8.34 19.67
N LEU A 583 12.76 8.64 19.21
CA LEU A 583 13.07 9.95 18.66
C LEU A 583 13.63 9.81 17.24
N ASP A 584 13.00 10.51 16.31
CA ASP A 584 13.49 10.62 14.94
C ASP A 584 14.20 11.95 14.77
N PHE A 585 15.52 11.94 14.65
CA PHE A 585 16.29 13.17 14.43
C PHE A 585 16.98 13.11 13.06
N SER A 586 16.36 12.40 12.12
CA SER A 586 16.85 12.30 10.74
C SER A 586 16.97 13.64 10.03
N GLY A 587 17.96 13.74 9.13
CA GLY A 587 18.00 14.85 8.19
C GLY A 587 18.30 16.20 8.80
N ASN A 588 18.94 16.19 9.96
CA ASN A 588 19.34 17.45 10.57
C ASN A 588 20.84 17.60 10.38
N GLY A 589 21.50 18.41 11.19
CA GLY A 589 22.93 18.59 11.03
C GLY A 589 23.70 18.16 12.27
N MET A 590 23.52 16.91 12.68
CA MET A 590 24.14 16.40 13.89
C MET A 590 25.67 16.34 13.72
N GLY A 591 26.12 16.30 12.47
CA GLY A 591 27.54 16.31 12.17
C GLY A 591 28.20 17.63 12.55
N ARG A 592 27.67 18.73 12.02
CA ARG A 592 28.13 20.06 12.39
C ARG A 592 27.94 20.36 13.89
N MET A 593 26.80 19.93 14.45
CA MET A 593 26.52 20.11 15.88
C MET A 593 27.57 19.44 16.76
N TRP A 594 27.88 18.18 16.47
CA TRP A 594 28.92 17.47 17.24
C TRP A 594 30.34 17.98 16.94
N ASP A 595 30.53 18.59 15.78
CA ASP A 595 31.79 19.28 15.50
C ASP A 595 32.03 20.51 16.41
N GLU A 596 30.97 20.99 17.07
CA GLU A 596 31.11 22.14 17.97
C GLU A 596 31.87 21.76 19.25
N GLY A 597 32.05 20.47 19.46
CA GLY A 597 32.80 19.98 20.60
C GLY A 597 31.92 19.56 21.77
N GLY A 598 32.15 20.16 22.92
CA GLY A 598 31.42 19.82 24.12
C GLY A 598 29.95 20.21 24.11
N LEU A 599 29.64 21.30 23.41
CA LEU A 599 28.32 21.95 23.48
C LEU A 599 27.12 21.00 23.36
N TYR A 600 27.11 20.17 22.32
CA TYR A 600 26.02 19.21 22.12
C TYR A 600 26.44 17.78 22.39
N LEU A 601 27.50 17.62 23.17
CA LEU A 601 28.01 16.28 23.49
C LEU A 601 26.98 15.44 24.24
N HIS A 602 26.08 16.09 24.97
CA HIS A 602 25.09 15.40 25.79
C HIS A 602 23.64 15.66 25.34
N PHE A 603 23.50 16.00 24.07
CA PHE A 603 22.22 16.41 23.50
C PHE A 603 21.09 15.40 23.75
N PHE A 604 21.37 14.11 23.56
CA PHE A 604 20.34 13.06 23.71
C PHE A 604 20.31 12.37 25.07
N GLN A 605 21.31 12.64 25.90
CA GLN A 605 21.52 11.90 27.16
C GLN A 605 20.36 11.98 28.16
N GLY A 606 19.71 13.14 28.23
CA GLY A 606 18.61 13.32 29.17
C GLY A 606 17.33 12.61 28.76
N LEU A 607 17.34 11.98 27.61
CA LEU A 607 16.18 11.18 27.19
C LEU A 607 16.24 9.83 27.89
N SER A 608 15.96 9.82 29.19
CA SER A 608 16.00 8.60 30.00
C SER A 608 15.00 7.61 29.48
N GLY A 609 15.46 6.37 29.28
CA GLY A 609 14.58 5.32 28.82
C GLY A 609 14.43 5.24 27.32
N LEU A 610 15.10 6.12 26.57
CA LEU A 610 15.05 6.07 25.10
C LEU A 610 15.50 4.72 24.56
N LEU A 611 14.74 4.18 23.61
CA LEU A 611 14.97 2.83 23.09
C LEU A 611 15.40 2.85 21.62
N LYS A 612 14.89 3.85 20.89
CA LYS A 612 15.10 3.94 19.45
C LYS A 612 15.42 5.36 19.03
N LEU A 613 16.54 5.51 18.32
CA LEU A 613 17.01 6.81 17.88
C LEU A 613 17.41 6.76 16.41
N ASP A 614 16.86 7.68 15.62
CA ASP A 614 17.18 7.72 14.21
C ASP A 614 18.03 8.95 13.93
N LEU A 615 19.30 8.71 13.61
CA LEU A 615 20.21 9.78 13.24
C LEU A 615 20.60 9.65 11.77
N SER A 616 19.74 9.04 10.96
CA SER A 616 20.05 8.93 9.54
C SER A 616 20.10 10.31 8.90
N GLN A 617 20.85 10.43 7.80
CA GLN A 617 20.97 11.68 7.03
C GLN A 617 21.43 12.90 7.82
N ASN A 618 22.38 12.71 8.73
CA ASN A 618 22.86 13.84 9.51
C ASN A 618 24.22 14.36 9.09
N ASN A 619 24.72 13.88 7.95
CA ASN A 619 26.03 14.31 7.44
C ASN A 619 27.14 14.09 8.47
N LEU A 620 27.02 12.98 9.19
CA LEU A 620 28.07 12.54 10.10
C LEU A 620 29.24 11.98 9.31
N HIS A 621 30.44 12.42 9.65
CA HIS A 621 31.64 11.87 9.04
C HIS A 621 32.40 11.09 10.10
N ILE A 622 32.27 11.53 11.35
CA ILE A 622 32.83 10.78 12.45
C ILE A 622 31.85 10.59 13.60
N LEU A 623 32.28 9.76 14.53
CA LEU A 623 31.52 9.39 15.69
C LEU A 623 32.55 9.06 16.75
N ARG A 624 32.95 10.08 17.51
CA ARG A 624 33.86 9.91 18.64
C ARG A 624 33.25 8.95 19.65
N PRO A 625 34.09 8.26 20.44
CA PRO A 625 33.55 7.37 21.47
C PRO A 625 32.66 8.15 22.43
N GLN A 626 33.04 9.39 22.76
CA GLN A 626 32.25 10.25 23.64
C GLN A 626 30.80 10.41 23.18
N ASN A 627 30.62 10.68 21.90
CA ASN A 627 29.27 10.90 21.36
C ASN A 627 28.43 9.65 21.55
N LEU A 628 29.04 8.49 21.32
CA LEU A 628 28.36 7.22 21.54
C LEU A 628 28.13 6.93 23.03
N ASP A 629 29.12 7.19 23.87
CA ASP A 629 28.99 6.86 25.28
C ASP A 629 27.96 7.74 25.99
N ASN A 630 27.66 8.90 25.40
CA ASN A 630 26.72 9.83 26.02
C ASN A 630 25.33 9.83 25.39
N LEU A 631 25.05 8.83 24.57
CA LEU A 631 23.69 8.51 24.21
C LEU A 631 23.13 7.74 25.41
N PRO A 632 21.80 7.76 25.59
CA PRO A 632 21.18 7.07 26.74
C PRO A 632 21.50 5.58 26.73
N LYS A 633 21.89 5.02 27.88
CA LYS A 633 22.34 3.63 27.96
C LYS A 633 21.21 2.62 27.75
N SER A 634 19.98 3.12 27.65
CA SER A 634 18.80 2.28 27.46
C SER A 634 18.58 1.94 25.99
N LEU A 635 19.24 2.68 25.11
CA LEU A 635 19.13 2.54 23.65
C LEU A 635 19.22 1.10 23.16
N LYS A 636 18.21 0.68 22.41
CA LYS A 636 18.20 -0.66 21.82
C LYS A 636 18.37 -0.63 20.30
N LEU A 637 17.99 0.48 19.67
CA LEU A 637 18.10 0.62 18.22
C LEU A 637 18.74 1.95 17.89
N LEU A 638 19.72 1.90 17.00
CA LEU A 638 20.36 3.11 16.52
C LEU A 638 20.42 3.05 15.02
N SER A 639 19.91 4.08 14.34
CA SER A 639 20.06 4.16 12.89
C SER A 639 20.99 5.29 12.50
N LEU A 640 22.06 4.94 11.78
CA LEU A 640 23.02 5.91 11.25
C LEU A 640 23.03 5.88 9.71
N ARG A 641 21.90 5.45 9.14
CA ARG A 641 21.74 5.27 7.71
C ARG A 641 22.04 6.52 6.92
N ASP A 642 22.69 6.35 5.75
CA ASP A 642 22.91 7.46 4.82
C ASP A 642 23.68 8.63 5.44
N ASN A 643 24.79 8.32 6.12
CA ASN A 643 25.72 9.34 6.54
C ASN A 643 27.00 9.16 5.74
N TYR A 644 28.08 9.80 6.20
CA TYR A 644 29.37 9.68 5.53
C TYR A 644 30.43 9.03 6.41
N LEU A 645 30.02 8.07 7.24
CA LEU A 645 30.97 7.37 8.10
C LEU A 645 31.86 6.42 7.27
N SER A 646 33.18 6.57 7.42
CA SER A 646 34.10 5.68 6.71
C SER A 646 34.75 4.71 7.68
N PHE A 647 34.92 5.16 8.93
CA PHE A 647 35.52 4.32 9.96
C PHE A 647 34.70 4.30 11.25
N PHE A 648 34.62 3.12 11.87
CA PHE A 648 33.74 2.88 13.00
C PHE A 648 34.41 1.85 13.91
N ASN A 649 35.04 2.30 15.00
CA ASN A 649 35.64 1.35 15.93
C ASN A 649 34.55 0.46 16.51
N TRP A 650 34.57 -0.81 16.12
CA TRP A 650 33.49 -1.71 16.46
C TRP A 650 33.44 -2.06 17.95
N THR A 651 34.60 -2.17 18.59
CA THR A 651 34.65 -2.48 20.02
C THR A 651 33.94 -1.45 20.89
N SER A 652 33.74 -0.24 20.34
CA SER A 652 33.07 0.85 21.05
C SER A 652 31.56 0.63 21.18
N LEU A 653 31.07 -0.46 20.61
CA LEU A 653 29.67 -0.83 20.76
C LEU A 653 29.40 -1.25 22.20
N SER A 654 30.46 -1.57 22.94
CA SER A 654 30.36 -1.85 24.36
C SER A 654 29.93 -0.63 25.19
N PHE A 655 30.07 0.56 24.61
CA PHE A 655 29.55 1.78 25.21
C PHE A 655 28.01 1.85 25.08
N LEU A 656 27.43 0.95 24.29
CA LEU A 656 25.97 0.85 24.13
C LEU A 656 25.50 -0.55 24.50
N PRO A 657 25.45 -0.84 25.81
CA PRO A 657 25.28 -2.21 26.31
C PRO A 657 23.95 -2.87 25.93
N ASN A 658 22.90 -2.09 25.68
CA ASN A 658 21.61 -2.68 25.35
C ASN A 658 21.27 -2.70 23.86
N LEU A 659 22.20 -2.26 23.03
CA LEU A 659 21.99 -2.17 21.58
C LEU A 659 21.63 -3.52 21.00
N GLU A 660 20.56 -3.55 20.22
CA GLU A 660 20.10 -4.79 19.56
C GLU A 660 20.08 -4.63 18.05
N VAL A 661 19.81 -3.42 17.57
CA VAL A 661 19.72 -3.16 16.14
C VAL A 661 20.57 -1.96 15.75
N LEU A 662 21.50 -2.17 14.81
CA LEU A 662 22.39 -1.10 14.35
C LEU A 662 22.30 -0.97 12.84
N ASP A 663 21.95 0.22 12.34
CA ASP A 663 21.84 0.44 10.90
C ASP A 663 22.88 1.42 10.42
N LEU A 664 23.88 0.90 9.71
CA LEU A 664 24.94 1.70 9.12
C LEU A 664 24.90 1.66 7.60
N ALA A 665 23.75 1.27 7.04
CA ALA A 665 23.59 1.20 5.59
C ALA A 665 23.79 2.56 4.94
N GLY A 666 24.34 2.57 3.73
CA GLY A 666 24.46 3.81 2.96
C GLY A 666 25.54 4.78 3.41
N ASN A 667 26.50 4.29 4.17
CA ASN A 667 27.65 5.09 4.51
C ASN A 667 28.79 4.79 3.55
N GLN A 668 30.02 4.84 4.03
CA GLN A 668 31.14 4.38 3.24
C GLN A 668 32.22 3.70 4.06
N LEU A 669 31.79 2.75 4.89
CA LEU A 669 32.71 1.78 5.45
C LEU A 669 33.33 1.08 4.25
N LYS A 670 34.65 1.03 4.20
CA LYS A 670 35.33 0.40 3.08
C LYS A 670 35.69 -1.04 3.42
N ALA A 671 35.61 -1.36 4.72
CA ALA A 671 35.86 -2.71 5.22
C ALA A 671 35.34 -2.86 6.65
N LEU A 672 35.11 -4.10 7.07
CA LEU A 672 34.74 -4.42 8.44
C LEU A 672 36.02 -4.89 9.12
N THR A 673 36.78 -3.96 9.67
CA THR A 673 38.19 -4.24 9.91
C THR A 673 38.85 -3.54 11.11
N GLN A 674 38.08 -2.73 11.85
CA GLN A 674 38.66 -1.94 12.94
C GLN A 674 39.33 -2.72 14.10
N GLY A 675 38.63 -3.62 14.79
CA GLY A 675 37.24 -3.96 14.54
C GLY A 675 36.86 -5.41 14.81
N THR A 676 36.01 -5.59 15.80
CA THR A 676 35.17 -6.77 15.91
C THR A 676 33.99 -6.46 16.82
N LEU A 677 32.88 -7.14 16.57
CA LEU A 677 31.73 -7.05 17.45
C LEU A 677 32.21 -7.55 18.82
N PRO A 678 32.00 -6.76 19.88
CA PRO A 678 32.68 -7.08 21.13
C PRO A 678 31.91 -8.06 22.00
N ASN A 679 32.64 -8.79 22.84
CA ASN A 679 32.07 -9.49 23.98
C ASN A 679 31.59 -8.40 24.93
N GLY A 680 30.40 -8.53 25.48
CA GLY A 680 29.39 -9.46 25.00
C GLY A 680 28.22 -8.59 24.58
N THR A 681 28.27 -8.12 23.34
CA THR A 681 27.23 -7.28 22.77
C THR A 681 25.92 -8.07 22.62
N LEU A 682 24.80 -7.36 22.65
CA LEU A 682 23.50 -8.02 22.47
C LEU A 682 22.94 -7.78 21.07
N LEU A 683 23.81 -7.30 20.18
CA LEU A 683 23.44 -7.00 18.78
C LEU A 683 22.74 -8.18 18.10
N GLN A 684 21.51 -7.97 17.66
CA GLN A 684 20.76 -9.03 16.98
C GLN A 684 20.82 -8.85 15.48
N LYS A 685 20.86 -7.59 15.03
CA LYS A 685 20.88 -7.34 13.60
C LYS A 685 21.78 -6.16 13.21
N LEU A 686 22.54 -6.36 12.13
CA LEU A 686 23.48 -5.36 11.63
C LEU A 686 23.31 -5.17 10.13
N ASP A 687 22.96 -3.95 9.73
CA ASP A 687 22.82 -3.61 8.32
C ASP A 687 24.01 -2.76 7.91
N VAL A 688 24.89 -3.33 7.08
CA VAL A 688 26.01 -2.56 6.51
C VAL A 688 25.94 -2.60 4.98
N SER A 689 24.71 -2.69 4.47
CA SER A 689 24.48 -2.66 3.03
C SER A 689 24.79 -1.28 2.43
N SER A 690 24.94 -1.23 1.11
CA SER A 690 25.27 -0.01 0.38
C SER A 690 26.41 0.81 0.99
N ASN A 691 27.43 0.13 1.49
CA ASN A 691 28.69 0.78 1.77
C ASN A 691 29.63 0.42 0.62
N SER A 692 30.92 0.37 0.90
CA SER A 692 31.88 -0.06 -0.11
C SER A 692 32.80 -1.10 0.48
N ILE A 693 32.20 -2.07 1.18
CA ILE A 693 32.98 -3.07 1.92
C ILE A 693 33.62 -4.06 0.97
N VAL A 694 34.94 -4.14 1.04
CA VAL A 694 35.71 -4.96 0.12
C VAL A 694 36.32 -6.14 0.87
N SER A 695 36.35 -6.05 2.20
CA SER A 695 36.96 -7.11 3.02
C SER A 695 36.51 -7.09 4.47
N VAL A 696 36.55 -8.26 5.12
CA VAL A 696 36.15 -8.41 6.52
C VAL A 696 37.24 -9.17 7.27
N VAL A 697 37.66 -8.65 8.42
CA VAL A 697 38.66 -9.33 9.26
C VAL A 697 38.07 -10.64 9.79
N PRO A 698 38.88 -11.71 9.86
CA PRO A 698 38.38 -12.96 10.44
C PRO A 698 37.79 -12.76 11.84
N ALA A 699 36.78 -13.57 12.16
CA ALA A 699 36.16 -13.57 13.49
C ALA A 699 35.38 -12.30 13.86
N PHE A 700 35.14 -11.43 12.87
CA PHE A 700 34.45 -10.16 13.09
C PHE A 700 33.09 -10.33 13.80
N PHE A 701 32.31 -11.31 13.37
CA PHE A 701 30.96 -11.51 13.92
C PHE A 701 30.93 -12.51 15.07
N ALA A 702 32.09 -13.11 15.36
CA ALA A 702 32.17 -14.29 16.24
C ALA A 702 31.65 -14.12 17.67
N LEU A 703 31.98 -12.99 18.30
CA LEU A 703 31.58 -12.76 19.69
C LEU A 703 30.12 -12.31 19.82
N ALA A 704 29.49 -11.97 18.69
CA ALA A 704 28.10 -11.50 18.73
C ALA A 704 27.13 -12.66 18.90
N VAL A 705 27.05 -13.15 20.14
CA VAL A 705 26.28 -14.35 20.53
C VAL A 705 24.80 -14.29 20.15
N GLU A 706 24.24 -13.10 20.07
CA GLU A 706 22.81 -12.93 19.81
C GLU A 706 22.50 -12.59 18.34
N LEU A 707 23.54 -12.55 17.51
CA LEU A 707 23.38 -12.09 16.13
C LEU A 707 22.47 -12.99 15.28
N LYS A 708 21.50 -12.38 14.61
CA LYS A 708 20.52 -13.13 13.80
C LYS A 708 20.49 -12.69 12.35
N GLU A 709 20.61 -11.38 12.13
CA GLU A 709 20.50 -10.82 10.79
C GLU A 709 21.72 -9.97 10.45
N VAL A 710 22.40 -10.30 9.34
CA VAL A 710 23.38 -9.38 8.77
C VAL A 710 23.15 -9.14 7.27
N ASN A 711 22.99 -7.87 6.94
CA ASN A 711 22.85 -7.46 5.55
C ASN A 711 24.20 -6.93 5.06
N LEU A 712 24.74 -7.59 4.04
CA LEU A 712 26.03 -7.22 3.45
C LEU A 712 25.83 -6.85 1.98
N SER A 713 24.57 -6.65 1.57
CA SER A 713 24.25 -6.46 0.15
C SER A 713 24.72 -5.10 -0.37
N HIS A 714 24.84 -5.00 -1.69
CA HIS A 714 25.25 -3.75 -2.32
C HIS A 714 26.58 -3.24 -1.78
N ASN A 715 27.53 -4.15 -1.64
CA ASN A 715 28.90 -3.76 -1.38
C ASN A 715 29.76 -4.20 -2.55
N ILE A 716 31.05 -4.34 -2.32
CA ILE A 716 31.96 -4.74 -3.37
C ILE A 716 32.71 -6.00 -2.96
N LEU A 717 32.00 -6.91 -2.30
CA LEU A 717 32.61 -8.17 -1.88
C LEU A 717 32.82 -9.12 -3.05
N LYS A 718 33.98 -9.78 -3.07
CA LYS A 718 34.32 -10.73 -4.14
C LYS A 718 34.04 -12.14 -3.67
N THR A 719 33.96 -12.30 -2.35
CA THR A 719 33.68 -13.58 -1.74
C THR A 719 32.82 -13.36 -0.50
N VAL A 720 32.28 -14.43 0.06
CA VAL A 720 31.79 -14.39 1.43
C VAL A 720 32.41 -15.56 2.18
N ASP A 721 32.97 -15.28 3.35
CA ASP A 721 33.93 -16.19 3.99
C ASP A 721 33.42 -16.67 5.36
N ARG A 722 33.48 -17.99 5.58
CA ARG A 722 33.00 -18.56 6.83
C ARG A 722 33.83 -18.06 8.02
N SER A 723 35.10 -17.80 7.78
CA SER A 723 36.01 -17.35 8.83
C SER A 723 35.58 -16.03 9.48
N TRP A 724 34.74 -15.26 8.79
CA TRP A 724 34.26 -13.99 9.33
C TRP A 724 33.37 -14.25 10.53
N PHE A 725 32.70 -15.41 10.52
CA PHE A 725 31.62 -15.70 11.47
C PHE A 725 32.01 -16.67 12.57
N GLY A 726 32.47 -17.86 12.17
CA GLY A 726 32.54 -18.97 13.09
C GLY A 726 31.19 -19.67 13.11
N PRO A 727 30.85 -20.31 14.23
CA PRO A 727 29.58 -21.05 14.39
C PRO A 727 28.37 -20.14 14.39
N ILE A 728 28.58 -18.83 14.57
CA ILE A 728 27.50 -17.85 14.51
C ILE A 728 26.73 -18.00 13.22
N VAL A 729 27.44 -18.31 12.14
CA VAL A 729 26.86 -18.39 10.81
C VAL A 729 25.63 -19.32 10.73
N MET A 730 25.62 -20.39 11.53
CA MET A 730 24.50 -21.33 11.49
C MET A 730 23.33 -20.99 12.42
N GLN A 731 23.41 -19.86 13.12
CA GLN A 731 22.27 -19.37 13.89
C GLN A 731 21.64 -18.16 13.21
N LEU A 732 22.32 -17.64 12.20
CA LEU A 732 21.84 -16.48 11.46
C LEU A 732 20.49 -16.78 10.85
N THR A 733 19.58 -15.80 10.88
CA THR A 733 18.28 -15.98 10.27
C THR A 733 18.23 -15.37 8.86
N VAL A 734 18.94 -14.26 8.67
CA VAL A 734 19.19 -13.76 7.32
C VAL A 734 20.66 -13.35 7.11
N LEU A 735 21.18 -13.70 5.93
CA LEU A 735 22.51 -13.30 5.50
C LEU A 735 22.36 -12.81 4.07
N ASP A 736 22.33 -11.49 3.89
CA ASP A 736 22.05 -10.94 2.57
C ASP A 736 23.33 -10.50 1.86
N VAL A 737 23.63 -11.15 0.74
CA VAL A 737 24.86 -10.85 -0.02
C VAL A 737 24.61 -10.51 -1.50
N ARG A 738 23.37 -10.14 -1.82
CA ARG A 738 23.03 -9.71 -3.18
C ARG A 738 23.81 -8.46 -3.59
N SER A 739 23.86 -8.21 -4.90
CA SER A 739 24.51 -7.02 -5.47
C SER A 739 25.93 -6.82 -4.97
N ASN A 740 26.68 -7.91 -4.87
CA ASN A 740 28.11 -7.84 -4.69
C ASN A 740 28.77 -8.44 -5.94
N PRO A 741 29.91 -7.90 -6.36
CA PRO A 741 30.61 -8.48 -7.51
C PRO A 741 31.34 -9.74 -7.11
N LEU A 742 30.61 -10.80 -6.80
CA LEU A 742 31.23 -12.04 -6.35
C LEU A 742 32.05 -12.64 -7.49
N HIS A 743 33.25 -13.12 -7.17
CA HIS A 743 34.11 -13.71 -8.19
C HIS A 743 33.76 -15.18 -8.41
N CYS A 744 33.08 -15.46 -9.52
CA CYS A 744 32.60 -16.82 -9.79
C CYS A 744 33.61 -17.71 -10.52
N ALA A 745 34.74 -17.91 -9.87
CA ALA A 745 35.75 -18.84 -10.35
C ALA A 745 35.34 -20.28 -10.01
N CYS A 746 35.98 -21.26 -10.66
CA CYS A 746 35.63 -22.65 -10.38
C CYS A 746 35.94 -23.07 -8.95
N GLY A 747 37.10 -22.71 -8.43
CA GLY A 747 37.41 -23.08 -7.06
C GLY A 747 36.62 -22.40 -5.93
N ALA A 748 35.73 -21.47 -6.27
CA ALA A 748 35.20 -20.50 -5.30
C ALA A 748 34.57 -21.04 -4.00
N ALA A 749 35.30 -20.89 -2.89
CA ALA A 749 34.86 -21.34 -1.56
C ALA A 749 33.49 -20.82 -1.11
N PHE A 750 33.08 -19.65 -1.60
CA PHE A 750 31.85 -19.02 -1.08
C PHE A 750 30.58 -19.82 -1.35
N VAL A 751 30.58 -20.61 -2.43
CA VAL A 751 29.43 -21.42 -2.80
C VAL A 751 29.08 -22.39 -1.69
N ASP A 752 30.11 -23.06 -1.17
CA ASP A 752 29.92 -24.00 -0.07
C ASP A 752 29.25 -23.34 1.14
N LEU A 753 29.72 -22.16 1.51
CA LEU A 753 29.14 -21.44 2.66
C LEU A 753 27.67 -21.12 2.38
N LEU A 754 27.40 -20.47 1.26
CA LEU A 754 26.03 -20.07 0.92
C LEU A 754 25.08 -21.26 0.83
N LEU A 755 25.56 -22.40 0.36
CA LEU A 755 24.69 -23.57 0.24
C LEU A 755 24.39 -24.14 1.62
N GLU A 756 25.36 -24.04 2.52
CA GLU A 756 25.16 -24.49 3.89
C GLU A 756 24.04 -23.72 4.61
N VAL A 757 23.97 -22.42 4.35
CA VAL A 757 22.97 -21.56 5.00
C VAL A 757 21.96 -21.04 3.97
N GLN A 758 21.70 -21.84 2.95
CA GLN A 758 20.92 -21.40 1.79
C GLN A 758 19.53 -20.92 2.13
N THR A 759 18.91 -21.55 3.13
CA THR A 759 17.58 -21.17 3.59
C THR A 759 17.56 -19.74 4.14
N LYS A 760 18.75 -19.23 4.46
CA LYS A 760 18.86 -17.93 5.13
C LYS A 760 19.32 -16.80 4.21
N VAL A 761 19.73 -17.12 2.99
CA VAL A 761 20.14 -16.04 2.09
C VAL A 761 19.06 -15.69 1.06
N PRO A 762 18.52 -14.46 1.17
CA PRO A 762 17.40 -13.98 0.35
C PRO A 762 17.79 -13.90 -1.13
N GLY A 763 16.92 -14.35 -2.03
CA GLY A 763 17.22 -14.31 -3.46
C GLY A 763 18.44 -15.12 -3.87
N LEU A 764 18.74 -16.18 -3.14
CA LEU A 764 19.93 -16.99 -3.46
C LEU A 764 19.86 -17.64 -4.86
N ALA A 765 18.67 -18.11 -5.24
CA ALA A 765 18.53 -18.96 -6.43
C ALA A 765 18.96 -18.27 -7.73
N ASN A 766 18.55 -17.02 -7.90
CA ASN A 766 18.91 -16.23 -9.09
C ASN A 766 19.43 -14.83 -8.77
N GLY A 767 19.06 -14.31 -7.60
CA GLY A 767 19.33 -12.90 -7.28
C GLY A 767 20.72 -12.59 -6.79
N VAL A 768 21.49 -13.61 -6.42
CA VAL A 768 22.89 -13.39 -6.05
C VAL A 768 23.78 -13.57 -7.28
N LYS A 769 24.28 -12.46 -7.84
CA LYS A 769 25.01 -12.49 -9.11
C LYS A 769 26.54 -12.44 -8.96
N CYS A 770 27.24 -12.76 -10.03
CA CYS A 770 28.70 -12.66 -10.07
C CYS A 770 29.12 -11.30 -10.63
N GLY A 771 30.30 -10.85 -10.24
CA GLY A 771 30.90 -9.68 -10.89
C GLY A 771 31.89 -10.15 -11.94
N SER A 772 32.35 -11.39 -11.81
CA SER A 772 33.41 -11.93 -12.66
C SER A 772 33.37 -13.46 -12.58
N PRO A 773 33.90 -14.15 -13.61
CA PRO A 773 34.59 -13.65 -14.80
C PRO A 773 33.64 -13.06 -15.85
N GLY A 774 34.19 -12.61 -16.98
CA GLY A 774 33.44 -11.87 -17.98
C GLY A 774 32.17 -12.52 -18.49
N GLN A 775 32.20 -13.85 -18.66
CA GLN A 775 31.03 -14.57 -19.16
C GLN A 775 29.95 -14.75 -18.11
N LEU A 776 30.33 -14.61 -16.84
CA LEU A 776 29.38 -14.79 -15.74
C LEU A 776 29.01 -13.45 -15.10
N GLN A 777 29.56 -12.37 -15.63
CA GLN A 777 29.28 -11.02 -15.13
C GLN A 777 27.78 -10.71 -15.23
N GLY A 778 27.16 -10.40 -14.10
CA GLY A 778 25.75 -10.07 -14.07
C GLY A 778 24.86 -11.31 -14.08
N ARG A 779 25.49 -12.48 -14.09
CA ARG A 779 24.76 -13.75 -14.11
C ARG A 779 24.73 -14.39 -12.72
N SER A 780 23.68 -15.16 -12.45
CA SER A 780 23.56 -15.97 -11.23
C SER A 780 24.85 -16.75 -10.95
N ILE A 781 25.16 -16.97 -9.67
CA ILE A 781 26.33 -17.76 -9.27
C ILE A 781 26.10 -19.24 -9.58
N PHE A 782 24.90 -19.57 -10.04
CA PHE A 782 24.54 -20.94 -10.40
C PHE A 782 24.38 -21.07 -11.92
N ALA A 783 24.69 -20.01 -12.65
CA ALA A 783 24.69 -20.03 -14.11
C ALA A 783 25.62 -21.13 -14.62
N GLN A 784 26.73 -21.32 -13.91
CA GLN A 784 27.54 -22.52 -14.09
C GLN A 784 27.67 -23.22 -12.73
N ASP A 785 28.20 -24.44 -12.74
CA ASP A 785 28.44 -25.17 -11.50
C ASP A 785 29.83 -24.83 -10.96
N LEU A 786 29.86 -23.95 -9.97
CA LEU A 786 31.12 -23.52 -9.37
C LEU A 786 31.71 -24.61 -8.48
N ARG A 787 30.92 -25.60 -8.10
CA ARG A 787 31.43 -26.67 -7.25
C ARG A 787 32.35 -27.67 -7.96
N LEU A 788 32.30 -27.70 -9.28
CA LEU A 788 33.01 -28.73 -10.05
C LEU A 788 34.53 -28.74 -9.88
N CYS A 789 35.07 -27.70 -9.26
CA CYS A 789 36.51 -27.62 -8.97
C CYS A 789 36.75 -27.53 -7.46
#